data_8JLO
#
_entry.id   8JLO
#
_cell.length_a   1.00
_cell.length_b   1.00
_cell.length_c   1.00
_cell.angle_alpha   90.00
_cell.angle_beta   90.00
_cell.angle_gamma   90.00
#
_symmetry.space_group_name_H-M   'P 1'
#
loop_
_entity.id
_entity.type
_entity.pdbx_description
1 polymer 'Guanine nucleotide-binding protein G(s) subunit alpha isoforms short'
2 polymer 'Guanine nucleotide-binding protein G(I)/G(S)/G(T) subunit beta-1'
3 polymer 'Soluble cytochrome b562,Trace amine-associated receptor 1'
4 polymer 'Guanine nucleotide-binding protein G(I)/G(S)/G(O) subunit gamma-2'
5 non-polymer 1-[(7~{S})-5,7-dihydro-4~{H}-thieno[2,3-c]pyran-7-yl]-~{N}-methyl-methanamine
#
loop_
_entity_poly.entity_id
_entity_poly.type
_entity_poly.pdbx_seq_one_letter_code
_entity_poly.pdbx_strand_id
1 'polypeptide(L)'
;MGCLGNSKTEDQRNEEKAQREANKKIEKQLQKDKQVYRATHRLLLLGAGESGKNTIVKQMRILHVNGFNGEGGEEDPQAA
RSNSDGEKATKVQDIKNNLKEAIETIVAAMSNLVPPVELANPENQFRVDYILSVMNVPDFDFPPEFYEHAKALWEDEGVR
ACYERSNEYQLIDCAQYFLDKIDVIKQADYVPSDQDLLRCRVLTSGIFETKFQVDKVNFHMFDVGAQRDERRKWIQCFND
VTAIIFVVASSSYNMVIREDNQTNRLQAALKLFDSIWNNKWLRDTSVILFLNKQDLLAEKVLAGKSKIEDYFPEFARYTT
PEDATPEPGEDPRVTRAKYFIRDEFLRISTASGDGRHYCYPHFTCSVDTENIRRVFNDCRDIIQRMHLRQYELL
;
A
2 'polypeptide(L)'
;MHHHHLEVLFQGPGSSGSELDQLRQEAEQLKNQIRDARKACADATLSQITNNIDPVGRIQMRTRRTLRGHLAKIYAMHWG
TDSRLLVSASQDGKLIIWDSYTTNKVHAIPLRSSWVMTCAYAPSGNYVACGGLDNICSIYNLKTREGNVRVSRELAGHTG
YLSCCRFLDDNQIVTSSGDTTCALWDIETGQQTTTFTGHTGDVMSLSLAPDTRLFVSGACDASAKLWDVREGMCRQTFTG
HESDINAICFFPNGNAFATGSDDATCRLFDLRADQELMTYSHDNIICGITSVSFSKSGRLLLAGYDDFNCNVWDALKADR
AGVLAGHDNRVSCLGVTDDGMAVATGSWDSFLKIWN
;
B
3 'polypeptide(L)'
;DYKDDDDKHHHHHHHHHHENLYFQGADLEDNWETLNDNLKVIEKADNAAQVKDALTKMRAAALDAQKATPPKLEDKSPDS
PEMKDFRHGFDILVGQIDDALKLANEGKVKEAQAAAEQLKTTRNAYIQKYLMMPFCHNIINISCVKNNWSNDVRASLYSL
MVLIILTTLVGNLIVIVSISHFKQLHTPTNWLIHSMATVDFLLGCLVMPYSMVRSAEHCWYFGEVFCKIHTSTDIMLSSA
SIFHLSFISIDRYYAVCDPLRYKAKMNILVICVMIFISWSVPAVFAFGMIFLELNFKGAEEIYYKHVHCRGGCSVFFSKI
SGVLTFMTSFYIPGSIMLCVYYRIYLIAKEQARLISDANQKLQIGLEMKNGISQSKERKAVKTLGIVMGVFLICWCPFFI
CTVMDPFLHYIIPPTLNDVLIWFGYLNSTFNPMVYAFFYPWFRKALKMMLFGKIFQKDSSRCKLFLELSS
;
R
4 'polypeptide(L)' MASNNTASIAQARKLVEQLKMEANIDRIKVSKAAADLMAYCEAHAKEDPLLTPVPASENPFREKKFFCAIL Y
#
loop_
_chem_comp.id
_chem_comp.type
_chem_comp.name
_chem_comp.formula
UJL non-polymer 1-[(7~{S})-5,7-dihydro-4~{H}-thieno[2,3-c]pyran-7-yl]-~{N}-methyl-methanamine 'C9 H13 N O S'
#
# COMPACT_ATOMS: atom_id res chain seq x y z
N ARG A 13 -37.05 11.53 8.21
CA ARG A 13 -37.60 12.80 7.76
C ARG A 13 -37.16 13.11 6.33
N ASN A 14 -37.69 14.19 5.77
CA ASN A 14 -37.36 14.54 4.39
C ASN A 14 -35.91 14.98 4.26
N GLU A 15 -35.33 15.55 5.32
CA GLU A 15 -33.92 15.91 5.29
C GLU A 15 -33.03 14.68 5.14
N GLU A 16 -33.37 13.61 5.84
CA GLU A 16 -32.56 12.39 5.77
C GLU A 16 -32.61 11.76 4.39
N LYS A 17 -33.78 11.79 3.74
CA LYS A 17 -33.94 11.12 2.45
C LYS A 17 -33.02 11.71 1.40
N ALA A 18 -32.90 13.03 1.36
CA ALA A 18 -32.01 13.68 0.40
C ALA A 18 -30.56 13.26 0.62
N GLN A 19 -30.13 13.22 1.89
CA GLN A 19 -28.77 12.82 2.19
C GLN A 19 -28.51 11.36 1.79
N ARG A 20 -29.47 10.47 2.06
CA ARG A 20 -29.30 9.08 1.67
C ARG A 20 -29.27 8.94 0.14
N GLU A 21 -30.09 9.71 -0.57
CA GLU A 21 -30.09 9.65 -2.02
C GLU A 21 -28.75 10.15 -2.58
N ALA A 22 -28.22 11.22 -2.01
CA ALA A 22 -26.92 11.72 -2.44
C ALA A 22 -25.82 10.69 -2.17
N ASN A 23 -25.87 10.05 -1.00
CA ASN A 23 -24.90 9.01 -0.69
C ASN A 23 -24.99 7.86 -1.67
N LYS A 24 -26.21 7.47 -2.04
CA LYS A 24 -26.39 6.41 -3.03
C LYS A 24 -25.80 6.80 -4.37
N LYS A 25 -26.01 8.05 -4.80
CA LYS A 25 -25.42 8.51 -6.05
C LYS A 25 -23.89 8.44 -6.00
N ILE A 26 -23.31 8.91 -4.89
CA ILE A 26 -21.86 8.92 -4.77
C ILE A 26 -21.31 7.51 -4.80
N GLU A 27 -21.98 6.58 -4.08
CA GLU A 27 -21.52 5.19 -4.08
C GLU A 27 -21.65 4.56 -5.47
N LYS A 28 -22.73 4.89 -6.19
CA LYS A 28 -22.91 4.36 -7.53
C LYS A 28 -21.80 4.83 -8.46
N GLN A 29 -21.41 6.10 -8.35
CA GLN A 29 -20.31 6.61 -9.16
C GLN A 29 -18.98 5.97 -8.75
N LEU A 30 -18.77 5.79 -7.45
CA LEU A 30 -17.51 5.21 -6.97
C LEU A 30 -17.36 3.76 -7.39
N GLN A 31 -18.47 3.03 -7.54
CA GLN A 31 -18.36 1.66 -8.04
C GLN A 31 -17.81 1.63 -9.45
N LYS A 32 -18.32 2.49 -10.33
CA LYS A 32 -17.80 2.56 -11.69
C LYS A 32 -16.34 3.00 -11.70
N ASP A 33 -16.00 3.98 -10.86
CA ASP A 33 -14.60 4.44 -10.83
C ASP A 33 -13.67 3.37 -10.30
N LYS A 34 -14.14 2.55 -9.35
CA LYS A 34 -13.36 1.41 -8.89
C LYS A 34 -13.16 0.39 -9.99
N GLN A 35 -14.22 0.11 -10.76
CA GLN A 35 -14.09 -0.83 -11.87
C GLN A 35 -13.09 -0.33 -12.90
N VAL A 36 -13.10 0.98 -13.17
CA VAL A 36 -12.14 1.55 -14.12
C VAL A 36 -10.72 1.52 -13.56
N TYR A 37 -10.56 1.77 -12.26
CA TYR A 37 -9.24 1.97 -11.67
C TYR A 37 -8.41 0.69 -11.59
N ARG A 38 -9.04 -0.48 -11.55
CA ARG A 38 -8.30 -1.72 -11.40
C ARG A 38 -7.67 -2.21 -12.70
N ALA A 39 -8.08 -1.65 -13.84
CA ALA A 39 -7.64 -2.12 -15.15
C ALA A 39 -6.54 -1.26 -15.76
N THR A 40 -5.89 -0.41 -14.96
CA THR A 40 -4.82 0.44 -15.44
C THR A 40 -3.54 0.15 -14.66
N HIS A 41 -2.41 0.22 -15.36
CA HIS A 41 -1.10 0.06 -14.74
C HIS A 41 -0.34 1.37 -14.80
N ARG A 42 0.40 1.66 -13.74
CA ARG A 42 1.11 2.94 -13.60
C ARG A 42 2.60 2.74 -13.81
N LEU A 43 3.19 3.60 -14.64
CA LEU A 43 4.61 3.51 -14.98
C LEU A 43 5.25 4.89 -14.90
N LEU A 44 6.43 4.94 -14.33
CA LEU A 44 7.22 6.16 -14.23
C LEU A 44 8.14 6.28 -15.45
N LEU A 45 8.63 7.49 -15.72
CA LEU A 45 9.46 7.70 -16.90
C LEU A 45 10.68 8.55 -16.54
N LEU A 46 11.40 8.17 -15.50
CA LEU A 46 12.64 8.86 -15.17
C LEU A 46 13.61 8.82 -16.35
N GLY A 47 14.39 9.88 -16.48
CA GLY A 47 15.35 9.97 -17.56
C GLY A 47 16.07 11.30 -17.53
N ALA A 48 17.00 11.44 -18.47
CA ALA A 48 17.82 12.63 -18.61
C ALA A 48 17.15 13.64 -19.55
N GLY A 49 17.49 14.91 -19.35
CA GLY A 49 16.82 15.96 -20.11
C GLY A 49 17.11 15.89 -21.60
N GLU A 50 18.37 15.67 -21.97
CA GLU A 50 18.73 15.66 -23.39
C GLU A 50 18.28 14.38 -24.09
N SER A 51 17.96 13.32 -23.34
CA SER A 51 17.50 12.09 -23.96
C SER A 51 16.12 12.30 -24.59
N GLY A 52 15.77 11.41 -25.51
CA GLY A 52 14.56 11.58 -26.29
C GLY A 52 13.28 11.12 -25.62
N LYS A 53 13.07 11.54 -24.36
CA LYS A 53 11.81 11.23 -23.69
C LYS A 53 10.63 11.90 -24.39
N ASN A 54 10.82 13.14 -24.84
CA ASN A 54 9.73 13.88 -25.46
C ASN A 54 9.26 13.20 -26.74
N THR A 55 10.20 12.72 -27.55
CA THR A 55 9.84 12.05 -28.80
C THR A 55 9.02 10.78 -28.53
N ILE A 56 9.46 9.99 -27.54
CA ILE A 56 8.74 8.76 -27.21
C ILE A 56 7.36 9.09 -26.69
N VAL A 57 7.24 10.11 -25.83
CA VAL A 57 5.93 10.48 -25.29
C VAL A 57 5.01 10.96 -26.42
N LYS A 58 5.53 11.77 -27.34
CA LYS A 58 4.72 12.25 -28.45
C LYS A 58 4.28 11.09 -29.33
N GLN A 59 5.16 10.11 -29.56
CA GLN A 59 4.77 8.93 -30.33
C GLN A 59 3.67 8.15 -29.63
N MET A 60 3.76 8.02 -28.30
CA MET A 60 2.70 7.31 -27.57
C MET A 60 1.40 8.09 -27.58
N ARG A 61 1.48 9.42 -27.68
CA ARG A 61 0.25 10.23 -27.78
C ARG A 61 -0.51 9.90 -29.06
N ILE A 62 0.21 9.71 -30.16
CA ILE A 62 -0.40 9.37 -31.44
C ILE A 62 -0.79 7.90 -31.45
N SER A 205 3.16 22.97 -14.52
CA SER A 205 3.84 22.30 -15.62
C SER A 205 4.71 21.16 -15.11
N GLY A 206 4.15 20.32 -14.26
CA GLY A 206 4.86 19.20 -13.71
C GLY A 206 4.62 17.91 -14.46
N ILE A 207 3.91 16.98 -13.84
CA ILE A 207 3.57 15.71 -14.47
C ILE A 207 2.72 15.95 -15.71
N PHE A 208 3.07 15.27 -16.79
CA PHE A 208 2.36 15.39 -18.06
C PHE A 208 1.76 14.05 -18.45
N GLU A 209 1.04 13.44 -17.50
CA GLU A 209 0.48 12.10 -17.64
C GLU A 209 -0.17 11.89 -19.00
N THR A 210 0.21 10.79 -19.65
CA THR A 210 -0.31 10.40 -20.96
C THR A 210 -0.95 9.02 -20.83
N LYS A 211 -2.16 8.87 -21.36
CA LYS A 211 -2.89 7.60 -21.29
C LYS A 211 -2.98 7.03 -22.69
N PHE A 212 -2.35 5.87 -22.91
CA PHE A 212 -2.47 5.15 -24.16
C PHE A 212 -3.09 3.78 -23.88
N GLN A 213 -3.31 3.02 -24.95
CA GLN A 213 -3.99 1.73 -24.84
C GLN A 213 -3.47 0.79 -25.92
N VAL A 214 -3.22 -0.45 -25.52
CA VAL A 214 -2.79 -1.49 -26.45
C VAL A 214 -3.32 -2.83 -25.95
N ASP A 215 -3.87 -3.61 -26.88
CA ASP A 215 -4.44 -4.93 -26.59
C ASP A 215 -5.44 -4.84 -25.43
N LYS A 216 -6.44 -3.98 -25.59
CA LYS A 216 -7.58 -3.84 -24.70
C LYS A 216 -7.20 -3.58 -23.23
N VAL A 217 -5.95 -3.24 -22.95
CA VAL A 217 -5.55 -2.87 -21.60
C VAL A 217 -5.00 -1.45 -21.64
N ASN A 218 -5.13 -0.74 -20.52
CA ASN A 218 -4.79 0.67 -20.44
C ASN A 218 -3.51 0.85 -19.64
N PHE A 219 -2.59 1.65 -20.16
CA PHE A 219 -1.36 2.00 -19.47
C PHE A 219 -1.36 3.48 -19.15
N HIS A 220 -0.65 3.85 -18.09
CA HIS A 220 -0.74 5.18 -17.51
C HIS A 220 0.68 5.62 -17.17
N MET A 221 1.24 6.51 -18.00
CA MET A 221 2.67 6.79 -18.03
C MET A 221 2.90 8.26 -17.67
N PHE A 222 4.06 8.55 -17.05
CA PHE A 222 4.23 9.83 -16.35
C PHE A 222 5.60 10.45 -16.64
N ASP A 223 5.61 11.65 -17.19
CA ASP A 223 6.84 12.42 -17.30
C ASP A 223 7.01 13.27 -16.05
N VAL A 224 8.04 12.97 -15.25
CA VAL A 224 8.22 13.61 -13.96
C VAL A 224 9.54 14.39 -13.96
N GLY A 225 9.95 14.88 -15.13
CA GLY A 225 11.21 15.58 -15.24
C GLY A 225 11.20 17.02 -14.80
N ALA A 226 10.07 17.55 -14.34
CA ALA A 226 10.01 18.95 -13.96
C ALA A 226 10.59 19.19 -12.57
N GLN A 227 10.76 18.14 -11.78
CA GLN A 227 11.22 18.28 -10.41
C GLN A 227 12.68 18.70 -10.32
N ARG A 228 13.15 19.02 -9.12
CA ARG A 228 14.53 19.43 -8.90
C ARG A 228 15.42 18.23 -8.63
N ASP A 229 16.65 18.50 -8.17
CA ASP A 229 17.65 17.45 -8.01
C ASP A 229 18.00 17.32 -6.53
N GLU A 230 18.49 16.13 -6.17
CA GLU A 230 18.96 15.76 -4.83
C GLU A 230 17.83 15.60 -3.82
N ARG A 231 18.01 14.60 -2.95
CA ARG A 231 17.17 14.30 -1.78
C ARG A 231 15.83 13.69 -2.18
N ARG A 232 15.46 13.82 -3.45
CA ARG A 232 14.44 13.00 -4.12
C ARG A 232 13.33 12.51 -3.21
N LYS A 233 12.66 13.42 -2.49
CA LYS A 233 11.71 12.99 -1.48
C LYS A 233 10.33 12.68 -2.06
N TRP A 234 10.07 13.03 -3.32
CA TRP A 234 8.81 12.66 -3.94
C TRP A 234 8.79 11.21 -4.36
N ILE A 235 9.94 10.53 -4.33
CA ILE A 235 10.04 9.17 -4.86
C ILE A 235 9.28 8.20 -3.96
N GLN A 236 8.94 8.62 -2.74
CA GLN A 236 8.24 7.73 -1.82
C GLN A 236 6.87 7.33 -2.35
N CYS A 237 6.18 8.25 -3.04
CA CYS A 237 4.82 7.97 -3.45
C CYS A 237 4.75 6.89 -4.52
N PHE A 238 5.72 6.87 -5.43
CA PHE A 238 5.72 5.90 -6.53
C PHE A 238 6.30 4.55 -6.06
N ASN A 239 5.71 4.02 -4.99
CA ASN A 239 6.09 2.70 -4.48
C ASN A 239 5.06 1.64 -4.80
N ASP A 240 4.11 1.93 -5.69
CA ASP A 240 3.12 0.96 -6.12
C ASP A 240 3.07 0.77 -7.62
N VAL A 241 3.94 1.45 -8.37
CA VAL A 241 3.97 1.34 -9.83
C VAL A 241 4.47 -0.03 -10.24
N THR A 242 4.30 -0.37 -11.52
CA THR A 242 4.75 -1.66 -12.04
C THR A 242 6.17 -1.66 -12.55
N ALA A 243 6.62 -0.58 -13.21
CA ALA A 243 7.98 -0.52 -13.72
C ALA A 243 8.38 0.94 -13.90
N ILE A 244 9.67 1.17 -14.07
CA ILE A 244 10.24 2.51 -14.19
C ILE A 244 11.02 2.56 -15.49
N ILE A 245 10.40 3.10 -16.55
CA ILE A 245 11.12 3.32 -17.80
C ILE A 245 12.26 4.29 -17.54
N PHE A 246 13.42 4.01 -18.14
CA PHE A 246 14.65 4.75 -17.86
C PHE A 246 15.35 5.02 -19.20
N VAL A 247 15.05 6.17 -19.80
CA VAL A 247 15.62 6.51 -21.10
C VAL A 247 17.01 7.09 -20.92
N VAL A 248 17.97 6.55 -21.67
CA VAL A 248 19.34 7.05 -21.66
C VAL A 248 19.85 7.11 -23.09
N ALA A 249 20.50 8.22 -23.42
CA ALA A 249 21.10 8.40 -24.74
C ALA A 249 22.53 7.88 -24.74
N SER A 250 22.82 6.96 -25.66
CA SER A 250 24.14 6.35 -25.74
C SER A 250 25.13 7.20 -26.52
N SER A 251 24.65 8.04 -27.44
CA SER A 251 25.53 8.89 -28.21
C SER A 251 25.84 10.18 -27.45
N SER A 252 26.30 10.05 -26.21
CA SER A 252 26.68 11.19 -25.40
C SER A 252 28.00 10.99 -24.66
N TYR A 253 28.82 10.03 -25.08
CA TYR A 253 30.08 9.77 -24.40
C TYR A 253 31.02 10.96 -24.49
N ASN A 254 30.90 11.77 -25.54
CA ASN A 254 31.78 12.92 -25.73
C ASN A 254 31.09 14.21 -25.29
N MET A 255 29.79 14.33 -25.57
CA MET A 255 29.03 15.52 -25.21
C MET A 255 29.03 15.73 -23.70
N VAL A 256 29.17 16.98 -23.28
CA VAL A 256 29.21 17.33 -21.86
C VAL A 256 28.02 18.22 -21.56
N ILE A 257 27.49 18.07 -20.34
CA ILE A 257 26.35 18.88 -19.90
C ILE A 257 26.76 20.35 -19.84
N ARG A 258 25.76 21.24 -19.77
CA ARG A 258 25.98 22.68 -19.76
C ARG A 258 27.00 23.09 -18.70
N GLU A 259 26.89 22.51 -17.50
CA GLU A 259 27.87 22.76 -16.45
C GLU A 259 29.23 22.17 -16.84
N ASP A 260 30.20 23.04 -17.12
CA ASP A 260 31.51 22.57 -17.53
C ASP A 260 32.22 21.81 -16.42
N ASN A 261 32.00 22.21 -15.17
CA ASN A 261 32.62 21.52 -14.04
C ASN A 261 32.12 20.08 -13.92
N GLN A 262 30.84 19.87 -14.23
CA GLN A 262 30.25 18.54 -14.15
C GLN A 262 30.90 17.60 -15.16
N THR A 263 30.95 16.32 -14.80
CA THR A 263 31.59 15.32 -15.64
C THR A 263 30.69 14.95 -16.83
N ASN A 264 31.08 13.90 -17.54
CA ASN A 264 30.35 13.45 -18.72
C ASN A 264 28.93 13.05 -18.36
N ARG A 265 28.02 13.24 -19.32
CA ARG A 265 26.62 12.93 -19.11
C ARG A 265 26.40 11.45 -18.80
N LEU A 266 27.23 10.58 -19.38
CA LEU A 266 27.09 9.15 -19.12
C LEU A 266 27.38 8.82 -17.67
N GLN A 267 28.39 9.47 -17.07
CA GLN A 267 28.69 9.24 -15.66
C GLN A 267 27.55 9.71 -14.78
N ALA A 268 26.96 10.86 -15.11
CA ALA A 268 25.79 11.33 -14.36
C ALA A 268 24.62 10.36 -14.48
N ALA A 269 24.40 9.82 -15.68
CA ALA A 269 23.34 8.83 -15.86
C ALA A 269 23.60 7.59 -15.03
N LEU A 270 24.87 7.15 -14.98
CA LEU A 270 25.22 6.01 -14.15
C LEU A 270 24.96 6.29 -12.67
N LYS A 271 25.32 7.48 -12.21
CA LYS A 271 25.08 7.84 -10.81
C LYS A 271 23.58 7.86 -10.50
N LEU A 272 22.78 8.44 -11.40
CA LEU A 272 21.34 8.46 -11.21
C LEU A 272 20.76 7.06 -11.18
N PHE A 273 21.24 6.19 -12.08
CA PHE A 273 20.76 4.81 -12.10
C PHE A 273 21.12 4.09 -10.80
N ASP A 274 22.33 4.33 -10.29
CA ASP A 274 22.73 3.71 -9.03
C ASP A 274 21.83 4.18 -7.89
N SER A 275 21.56 5.48 -7.84
CA SER A 275 20.71 6.02 -6.78
C SER A 275 19.30 5.45 -6.86
N ILE A 276 18.76 5.34 -8.07
CA ILE A 276 17.41 4.80 -8.23
C ILE A 276 17.37 3.33 -7.85
N TRP A 277 18.36 2.56 -8.32
CA TRP A 277 18.36 1.12 -8.07
C TRP A 277 18.53 0.80 -6.59
N ASN A 278 19.41 1.53 -5.90
CA ASN A 278 19.71 1.22 -4.50
C ASN A 278 18.80 1.94 -3.53
N ASN A 279 17.82 2.69 -4.00
CA ASN A 279 16.87 3.35 -3.11
C ASN A 279 16.06 2.33 -2.32
N LYS A 280 15.87 2.60 -1.02
CA LYS A 280 15.23 1.62 -0.16
C LYS A 280 13.74 1.51 -0.44
N TRP A 281 13.12 2.60 -0.90
CA TRP A 281 11.69 2.55 -1.20
C TRP A 281 11.42 1.80 -2.49
N LEU A 282 12.27 1.97 -3.50
CA LEU A 282 12.11 1.30 -4.79
C LEU A 282 12.87 -0.03 -4.79
N ARG A 283 12.56 -0.87 -3.80
CA ARG A 283 13.24 -2.13 -3.62
C ARG A 283 12.41 -3.32 -4.09
N ASP A 284 11.24 -3.06 -4.70
CA ASP A 284 10.40 -4.15 -5.18
C ASP A 284 9.81 -3.83 -6.55
N THR A 285 10.45 -2.97 -7.33
CA THR A 285 9.97 -2.58 -8.65
C THR A 285 11.09 -2.74 -9.65
N SER A 286 10.77 -3.32 -10.80
CA SER A 286 11.76 -3.55 -11.85
C SER A 286 12.03 -2.26 -12.61
N VAL A 287 13.03 -2.31 -13.48
CA VAL A 287 13.45 -1.16 -14.28
C VAL A 287 13.50 -1.58 -15.74
N ILE A 288 12.74 -0.88 -16.58
CA ILE A 288 12.75 -1.16 -18.04
C ILE A 288 13.71 -0.13 -18.64
N LEU A 289 14.98 -0.53 -18.73
CA LEU A 289 16.03 0.36 -19.22
C LEU A 289 15.96 0.46 -20.74
N PHE A 290 15.87 1.69 -21.25
CA PHE A 290 15.96 1.93 -22.68
C PHE A 290 17.34 2.49 -23.03
N LEU A 291 17.59 2.59 -24.33
CA LEU A 291 18.85 3.16 -24.86
C LEU A 291 18.54 3.74 -26.23
N ASN A 292 18.37 5.07 -26.27
CA ASN A 292 18.01 5.75 -27.51
C ASN A 292 19.25 6.26 -28.24
N LYS A 293 19.02 7.04 -29.28
CA LYS A 293 20.05 7.66 -30.10
C LYS A 293 21.07 6.62 -30.59
N GLN A 294 20.51 5.58 -31.21
CA GLN A 294 21.31 4.47 -31.73
C GLN A 294 22.06 4.81 -33.00
N ASP A 295 21.44 5.51 -33.94
CA ASP A 295 22.11 5.82 -35.20
C ASP A 295 23.16 6.90 -35.01
N LEU A 296 22.91 7.83 -34.09
CA LEU A 296 23.90 8.87 -33.80
C LEU A 296 25.20 8.25 -33.28
N LEU A 297 25.08 7.25 -32.41
CA LEU A 297 26.27 6.56 -31.91
C LEU A 297 27.02 5.88 -33.03
N ALA A 298 26.29 5.25 -33.96
CA ALA A 298 26.92 4.60 -35.10
C ALA A 298 27.69 5.60 -35.95
N GLU A 299 27.06 6.74 -36.25
CA GLU A 299 27.73 7.77 -37.05
C GLU A 299 28.96 8.31 -36.33
N LYS A 300 28.87 8.47 -35.02
CA LYS A 300 30.01 8.96 -34.25
C LYS A 300 31.16 7.97 -34.29
N VAL A 301 30.89 6.68 -34.07
CA VAL A 301 31.96 5.70 -33.98
C VAL A 301 32.59 5.45 -35.33
N LEU A 302 31.78 5.39 -36.39
CA LEU A 302 32.33 5.07 -37.71
C LEU A 302 33.22 6.18 -38.24
N ALA A 303 32.87 7.43 -37.98
CA ALA A 303 33.58 8.57 -38.56
C ALA A 303 34.78 8.99 -37.71
N GLY A 304 35.64 8.03 -37.38
CA GLY A 304 36.88 8.30 -36.68
C GLY A 304 36.72 9.08 -35.38
N LYS A 305 37.21 10.32 -35.38
CA LYS A 305 37.09 11.29 -34.29
C LYS A 305 37.58 10.73 -32.96
N SER A 306 37.29 11.43 -31.87
CA SER A 306 37.69 10.97 -30.54
C SER A 306 37.07 9.63 -30.22
N LYS A 307 37.89 8.71 -29.75
CA LYS A 307 37.43 7.36 -29.43
C LYS A 307 37.04 7.25 -27.96
N ILE A 308 36.42 6.11 -27.62
CA ILE A 308 35.93 5.91 -26.26
C ILE A 308 37.09 5.78 -25.29
N GLU A 309 38.23 5.30 -25.76
CA GLU A 309 39.38 5.05 -24.88
C GLU A 309 39.84 6.33 -24.19
N ASP A 310 39.70 7.47 -24.88
CA ASP A 310 40.10 8.75 -24.29
C ASP A 310 39.30 9.06 -23.03
N TYR A 311 37.99 8.81 -23.08
CA TYR A 311 37.10 9.15 -21.98
C TYR A 311 36.80 7.94 -21.10
N PHE A 312 36.72 6.74 -21.68
CA PHE A 312 36.56 5.52 -20.91
C PHE A 312 37.85 4.71 -21.02
N PRO A 313 38.67 4.66 -19.97
CA PRO A 313 39.98 4.01 -20.12
C PRO A 313 39.92 2.50 -20.26
N GLU A 314 38.94 1.86 -19.62
CA GLU A 314 38.87 0.40 -19.58
C GLU A 314 38.43 -0.23 -20.91
N PHE A 315 38.16 0.58 -21.95
CA PHE A 315 37.68 0.03 -23.20
C PHE A 315 38.71 -0.91 -23.83
N ALA A 316 40.00 -0.66 -23.59
CA ALA A 316 41.04 -1.48 -24.22
C ALA A 316 40.93 -2.94 -23.78
N ARG A 317 40.69 -3.16 -22.49
CA ARG A 317 40.57 -4.52 -21.94
C ARG A 317 39.11 -4.98 -22.04
N TYR A 318 38.67 -5.15 -23.28
CA TYR A 318 37.31 -5.58 -23.56
C TYR A 318 37.26 -6.42 -24.83
N THR A 319 36.45 -7.48 -24.79
CA THR A 319 36.18 -8.33 -25.95
C THR A 319 34.67 -8.44 -26.11
N THR A 320 34.21 -8.54 -27.35
CA THR A 320 32.78 -8.66 -27.64
C THR A 320 32.24 -9.96 -27.05
N PRO A 321 31.11 -9.91 -26.33
CA PRO A 321 30.56 -11.12 -25.72
C PRO A 321 30.10 -12.14 -26.75
N GLU A 322 29.68 -13.31 -26.27
CA GLU A 322 29.23 -14.40 -27.14
C GLU A 322 27.73 -14.36 -27.42
N ASP A 323 27.01 -13.41 -26.84
CA ASP A 323 25.57 -13.29 -27.03
C ASP A 323 25.20 -12.28 -28.11
N ALA A 324 26.15 -11.46 -28.56
CA ALA A 324 25.90 -10.45 -29.58
C ALA A 324 25.33 -11.05 -30.84
N THR A 325 24.20 -10.52 -31.30
CA THR A 325 23.51 -10.99 -32.50
C THR A 325 23.32 -9.79 -33.43
N PRO A 326 24.30 -9.49 -34.27
CA PRO A 326 24.16 -8.39 -35.25
C PRO A 326 23.27 -8.78 -36.43
N GLU A 327 21.96 -8.86 -36.17
CA GLU A 327 21.02 -9.23 -37.21
C GLU A 327 21.09 -8.33 -38.45
N PRO A 328 21.13 -7.00 -38.35
CA PRO A 328 21.36 -6.20 -39.57
C PRO A 328 22.69 -6.48 -40.24
N GLY A 329 23.71 -6.86 -39.49
CA GLY A 329 25.01 -7.14 -40.09
C GLY A 329 25.65 -5.93 -40.74
N GLU A 330 25.60 -4.78 -40.07
CA GLU A 330 26.14 -3.55 -40.65
C GLU A 330 27.66 -3.51 -40.53
N ASP A 331 28.17 -3.50 -39.30
CA ASP A 331 29.61 -3.40 -39.08
C ASP A 331 29.98 -3.90 -37.69
N PRO A 332 31.04 -4.69 -37.54
CA PRO A 332 31.42 -5.23 -36.22
C PRO A 332 32.09 -4.24 -35.29
N ARG A 333 32.48 -3.05 -35.76
CA ARG A 333 33.09 -2.06 -34.89
C ARG A 333 32.07 -1.25 -34.11
N VAL A 334 30.80 -1.31 -34.48
CA VAL A 334 29.75 -0.59 -33.76
C VAL A 334 29.17 -1.45 -32.65
N THR A 335 28.96 -2.74 -32.94
CA THR A 335 28.37 -3.64 -31.95
C THR A 335 29.24 -3.74 -30.70
N ARG A 336 30.56 -3.60 -30.88
CA ARG A 336 31.47 -3.63 -29.73
C ARG A 336 31.11 -2.53 -28.73
N ALA A 337 31.01 -1.29 -29.21
CA ALA A 337 30.64 -0.18 -28.33
C ALA A 337 29.21 -0.33 -27.82
N LYS A 338 28.29 -0.79 -28.68
CA LYS A 338 26.91 -0.95 -28.27
C LYS A 338 26.78 -1.90 -27.10
N TYR A 339 27.50 -3.03 -27.15
CA TYR A 339 27.46 -3.97 -26.05
C TYR A 339 28.34 -3.55 -24.88
N PHE A 340 29.33 -2.68 -25.12
CA PHE A 340 30.08 -2.10 -24.01
C PHE A 340 29.19 -1.22 -23.16
N ILE A 341 28.30 -0.45 -23.80
CA ILE A 341 27.44 0.47 -23.06
C ILE A 341 26.55 -0.30 -22.07
N ARG A 342 26.07 -1.48 -22.47
CA ARG A 342 25.19 -2.25 -21.59
C ARG A 342 25.92 -2.73 -20.35
N ASP A 343 27.24 -2.91 -20.44
CA ASP A 343 27.98 -3.57 -19.37
C ASP A 343 27.96 -2.77 -18.08
N GLU A 344 28.08 -1.44 -18.17
CA GLU A 344 28.07 -0.63 -16.97
C GLU A 344 26.75 -0.76 -16.22
N PHE A 345 25.63 -0.61 -16.92
CA PHE A 345 24.33 -0.71 -16.28
C PHE A 345 24.08 -2.12 -15.74
N LEU A 346 24.50 -3.14 -16.49
CA LEU A 346 24.33 -4.51 -16.00
C LEU A 346 25.16 -4.75 -14.75
N ARG A 347 26.38 -4.22 -14.69
CA ARG A 347 27.22 -4.37 -13.51
C ARG A 347 26.62 -3.66 -12.31
N ILE A 348 26.05 -2.48 -12.54
CA ILE A 348 25.36 -1.76 -11.47
C ILE A 348 24.17 -2.59 -10.98
N SER A 349 23.50 -3.27 -11.91
CA SER A 349 22.32 -4.06 -11.59
C SER A 349 22.65 -5.38 -10.90
N THR A 350 23.77 -6.01 -11.23
CA THR A 350 24.03 -7.35 -10.71
C THR A 350 24.70 -7.33 -9.35
N ALA A 351 25.29 -6.20 -8.96
CA ALA A 351 25.94 -6.12 -7.65
C ALA A 351 24.93 -6.34 -6.53
N SER A 352 23.77 -5.70 -6.62
CA SER A 352 22.65 -5.95 -5.72
C SER A 352 21.76 -7.00 -6.36
N GLY A 353 20.65 -7.32 -5.71
CA GLY A 353 19.80 -8.37 -6.22
C GLY A 353 18.99 -9.11 -5.19
N ASP A 354 19.17 -10.44 -5.15
CA ASP A 354 18.45 -11.38 -4.30
C ASP A 354 17.02 -11.49 -4.81
N GLY A 355 16.86 -11.43 -6.13
CA GLY A 355 15.63 -11.81 -6.79
C GLY A 355 14.37 -11.07 -6.36
N ARG A 356 14.43 -9.75 -6.28
CA ARG A 356 13.22 -8.99 -5.94
C ARG A 356 12.87 -7.98 -7.03
N HIS A 357 13.85 -7.58 -7.84
CA HIS A 357 13.60 -6.69 -8.96
C HIS A 357 14.67 -6.89 -10.02
N TYR A 358 14.26 -6.85 -11.29
CA TYR A 358 15.12 -7.15 -12.42
C TYR A 358 15.33 -5.92 -13.29
N CYS A 359 16.12 -6.09 -14.35
CA CYS A 359 16.46 -5.02 -15.28
C CYS A 359 16.38 -5.58 -16.70
N TYR A 360 15.56 -4.94 -17.55
CA TYR A 360 15.42 -5.37 -18.94
C TYR A 360 16.03 -4.35 -19.89
N PRO A 361 17.28 -4.54 -20.32
CA PRO A 361 17.87 -3.59 -21.28
C PRO A 361 17.25 -3.71 -22.67
N HIS A 362 17.37 -2.66 -23.47
CA HIS A 362 16.80 -2.65 -24.81
C HIS A 362 17.56 -1.73 -25.74
N PHE A 363 17.51 -2.01 -27.04
CA PHE A 363 18.11 -1.18 -28.06
C PHE A 363 17.00 -0.59 -28.93
N THR A 364 16.97 0.73 -29.06
CA THR A 364 15.88 1.38 -29.78
C THR A 364 16.32 2.76 -30.23
N CYS A 365 15.55 3.34 -31.14
CA CYS A 365 15.69 4.72 -31.57
C CYS A 365 14.51 5.54 -31.07
N SER A 366 14.61 6.85 -31.24
CA SER A 366 13.58 7.74 -30.72
C SER A 366 12.28 7.63 -31.51
N VAL A 367 12.39 7.54 -32.84
CA VAL A 367 11.23 7.64 -33.71
C VAL A 367 10.59 6.29 -34.04
N ASP A 368 11.37 5.20 -34.00
CA ASP A 368 10.86 3.92 -34.47
C ASP A 368 9.75 3.40 -33.56
N THR A 369 9.00 2.44 -34.09
CA THR A 369 7.88 1.84 -33.39
C THR A 369 8.36 0.66 -32.56
N GLU A 370 7.42 -0.17 -32.10
CA GLU A 370 7.60 -1.38 -31.30
C GLU A 370 7.93 -1.08 -29.84
N ASN A 371 8.11 0.19 -29.46
CA ASN A 371 8.38 0.50 -28.06
C ASN A 371 7.19 0.13 -27.19
N ILE A 372 5.96 0.37 -27.68
CA ILE A 372 4.77 -0.02 -26.93
C ILE A 372 4.71 -1.53 -26.77
N ARG A 373 5.06 -2.28 -27.82
CA ARG A 373 5.09 -3.73 -27.72
C ARG A 373 6.12 -4.20 -26.71
N ARG A 374 7.29 -3.56 -26.69
CA ARG A 374 8.33 -3.93 -25.73
C ARG A 374 7.85 -3.67 -24.31
N VAL A 375 7.23 -2.52 -24.07
CA VAL A 375 6.69 -2.21 -22.74
C VAL A 375 5.64 -3.23 -22.34
N PHE A 376 4.76 -3.59 -23.28
CA PHE A 376 3.72 -4.58 -23.02
C PHE A 376 4.34 -5.92 -22.60
N ASN A 377 5.32 -6.40 -23.36
CA ASN A 377 5.94 -7.68 -23.05
C ASN A 377 6.65 -7.64 -21.70
N ASP A 378 7.38 -6.56 -21.43
CA ASP A 378 8.12 -6.46 -20.17
C ASP A 378 7.16 -6.41 -18.99
N CYS A 379 6.05 -5.67 -19.11
CA CYS A 379 5.08 -5.64 -18.04
C CYS A 379 4.44 -7.01 -17.82
N ARG A 380 4.14 -7.73 -18.91
CA ARG A 380 3.60 -9.08 -18.76
C ARG A 380 4.57 -9.96 -18.00
N ASP A 381 5.85 -9.93 -18.38
CA ASP A 381 6.84 -10.77 -17.71
C ASP A 381 7.00 -10.39 -16.25
N ILE A 382 7.02 -9.10 -15.94
CA ILE A 382 7.19 -8.64 -14.57
C ILE A 382 6.04 -9.13 -13.70
N ILE A 383 4.80 -8.93 -14.18
CA ILE A 383 3.65 -9.31 -13.38
C ILE A 383 3.57 -10.83 -13.25
N GLN A 384 3.93 -11.56 -14.30
CA GLN A 384 3.89 -13.01 -14.23
C GLN A 384 4.89 -13.54 -13.20
N ARG A 385 6.11 -13.00 -13.18
CA ARG A 385 7.08 -13.43 -12.16
C ARG A 385 6.63 -13.03 -10.76
N MET A 386 6.03 -11.84 -10.63
CA MET A 386 5.54 -11.41 -9.33
C MET A 386 4.46 -12.35 -8.81
N HIS A 387 3.54 -12.78 -9.69
CA HIS A 387 2.51 -13.72 -9.29
C HIS A 387 3.11 -15.08 -8.96
N LEU A 388 4.07 -15.54 -9.77
CA LEU A 388 4.70 -16.84 -9.56
C LEU A 388 5.41 -16.90 -8.21
N ARG A 389 6.01 -15.79 -7.78
CA ARG A 389 6.77 -15.86 -6.54
C ARG A 389 5.91 -15.80 -5.29
N GLN A 390 4.62 -15.48 -5.41
CA GLN A 390 3.72 -15.50 -4.26
C GLN A 390 3.33 -16.92 -3.87
N TYR A 391 3.05 -17.77 -4.86
CA TYR A 391 2.56 -19.12 -4.61
C TYR A 391 3.72 -20.08 -4.35
N GLU A 392 4.90 -19.54 -4.07
CA GLU A 392 6.09 -20.34 -3.83
C GLU A 392 6.35 -21.32 -4.97
N LEU A 393 6.24 -20.85 -6.21
CA LEU A 393 6.49 -21.66 -7.39
C LEU A 393 7.83 -21.36 -8.03
N LEU A 394 8.25 -20.11 -8.07
CA LEU A 394 9.53 -19.73 -8.65
C LEU A 394 10.54 -19.42 -7.55
N GLU B 19 36.69 40.19 1.11
CA GLU B 19 35.54 40.40 1.98
C GLU B 19 34.93 39.06 2.40
N LEU B 20 35.29 38.00 1.67
CA LEU B 20 34.76 36.68 1.98
C LEU B 20 35.21 36.21 3.36
N ASP B 21 36.51 36.29 3.64
CA ASP B 21 37.02 35.88 4.95
C ASP B 21 36.46 36.77 6.06
N GLN B 22 36.37 38.08 5.80
CA GLN B 22 35.80 38.99 6.78
C GLN B 22 34.34 38.64 7.06
N LEU B 23 33.58 38.33 6.01
CA LEU B 23 32.18 37.95 6.19
C LEU B 23 32.07 36.67 7.02
N ARG B 24 32.90 35.67 6.72
CA ARG B 24 32.85 34.42 7.45
C ARG B 24 33.19 34.62 8.92
N GLN B 25 34.27 35.37 9.20
CA GLN B 25 34.68 35.55 10.59
C GLN B 25 33.64 36.36 11.36
N GLU B 26 33.10 37.41 10.74
CA GLU B 26 32.08 38.22 11.42
C GLU B 26 30.83 37.38 11.71
N ALA B 27 30.38 36.59 10.73
CA ALA B 27 29.19 35.79 10.93
C ALA B 27 29.40 34.74 12.01
N GLU B 28 30.56 34.08 12.01
CA GLU B 28 30.81 33.02 12.99
C GLU B 28 30.97 33.61 14.39
N GLN B 29 31.60 34.79 14.50
CA GLN B 29 31.69 35.44 15.80
C GLN B 29 30.30 35.85 16.31
N LEU B 30 29.45 36.38 15.42
CA LEU B 30 28.10 36.77 15.83
C LEU B 30 27.30 35.56 16.27
N LYS B 31 27.44 34.44 15.58
CA LYS B 31 26.71 33.23 15.96
C LYS B 31 27.25 32.64 17.26
N ASN B 32 28.56 32.71 17.47
CA ASN B 32 29.13 32.29 18.74
C ASN B 32 28.58 33.15 19.87
N GLN B 33 28.41 34.45 19.62
CA GLN B 33 27.77 35.33 20.58
C GLN B 33 26.30 34.96 20.79
N ILE B 34 25.61 34.51 19.73
CA ILE B 34 24.18 34.26 19.89
C ILE B 34 23.93 32.98 20.67
N ARG B 35 24.80 31.96 20.55
CA ARG B 35 24.68 30.85 21.49
C ARG B 35 24.85 31.31 22.93
N ASP B 36 25.82 32.20 23.19
CA ASP B 36 26.02 32.69 24.55
C ASP B 36 24.78 33.45 25.04
N ALA B 37 24.18 34.25 24.16
CA ALA B 37 22.98 35.00 24.52
C ALA B 37 21.83 34.05 24.85
N ARG B 38 21.64 33.00 24.05
CA ARG B 38 20.58 32.04 24.34
C ARG B 38 20.85 31.30 25.65
N LYS B 39 22.10 30.89 25.87
CA LYS B 39 22.41 30.10 27.06
C LYS B 39 22.33 30.95 28.33
N ALA B 40 22.54 32.26 28.20
CA ALA B 40 22.47 33.13 29.37
C ALA B 40 21.07 33.16 29.97
N CYS B 41 20.05 33.09 29.12
CA CYS B 41 18.67 33.16 29.60
C CYS B 41 18.29 31.93 30.43
N ALA B 42 18.87 30.78 30.08
CA ALA B 42 18.50 29.53 30.76
C ALA B 42 18.88 29.59 32.24
N ASP B 43 17.92 29.20 33.09
CA ASP B 43 18.17 29.10 34.52
C ASP B 43 17.69 27.78 35.12
N ALA B 44 16.83 27.03 34.45
CA ALA B 44 16.31 25.75 34.92
C ALA B 44 15.64 25.06 33.74
N THR B 45 14.87 24.00 34.08
CA THR B 45 14.10 23.22 33.08
C THR B 45 12.62 23.07 33.48
N LEU B 46 11.74 22.99 32.48
CA LEU B 46 10.29 22.90 32.74
C LEU B 46 9.92 21.59 33.42
N SER B 47 10.67 20.51 33.17
CA SER B 47 10.39 19.24 33.90
C SER B 47 10.51 19.49 35.39
N GLN B 48 11.64 20.05 35.81
CA GLN B 48 11.85 20.36 37.26
C GLN B 48 10.73 21.30 37.71
N ILE B 49 10.40 22.29 36.89
CA ILE B 49 9.37 23.30 37.32
C ILE B 49 7.98 22.66 37.53
N THR B 50 7.59 21.61 36.79
CA THR B 50 6.20 21.06 36.89
C THR B 50 6.10 19.79 37.72
N ASN B 51 7.19 19.09 37.97
CA ASN B 51 7.21 17.81 38.66
C ASN B 51 6.10 17.71 39.70
N ASN B 52 5.89 18.78 40.47
CA ASN B 52 4.91 18.76 41.56
C ASN B 52 3.49 18.94 41.01
N ILE B 53 3.14 18.07 40.06
CA ILE B 53 1.81 18.02 39.46
C ILE B 53 1.41 16.56 39.36
N ASP B 54 0.15 16.27 39.68
CA ASP B 54 -0.33 14.90 39.65
C ASP B 54 -0.29 14.36 38.22
N PRO B 55 -0.02 13.07 38.04
CA PRO B 55 0.03 12.51 36.68
C PRO B 55 -1.34 12.59 36.00
N VAL B 56 -1.31 12.63 34.66
CA VAL B 56 -2.54 12.73 33.89
C VAL B 56 -3.41 11.50 34.10
N GLY B 57 -2.81 10.31 34.10
CA GLY B 57 -3.56 9.10 34.33
C GLY B 57 -3.34 8.04 33.27
N ARG B 58 -4.43 7.34 32.90
CA ARG B 58 -4.39 6.25 31.93
C ARG B 58 -5.55 6.46 30.96
N ILE B 59 -5.62 7.67 30.39
CA ILE B 59 -6.66 8.04 29.43
C ILE B 59 -6.71 7.01 28.30
N GLN B 60 -7.91 6.53 27.99
CA GLN B 60 -8.10 5.48 27.00
C GLN B 60 -9.11 5.96 25.96
N MET B 61 -8.83 5.68 24.70
CA MET B 61 -9.68 6.08 23.59
C MET B 61 -10.20 4.84 22.88
N ARG B 62 -11.50 4.82 22.61
CA ARG B 62 -12.15 3.72 21.91
C ARG B 62 -12.68 4.23 20.58
N THR B 63 -12.34 3.53 19.50
CA THR B 63 -12.79 3.92 18.17
C THR B 63 -14.31 3.88 18.09
N ARG B 64 -14.90 4.98 17.61
CA ARG B 64 -16.34 5.07 17.52
C ARG B 64 -16.84 4.67 16.13
N ARG B 65 -16.37 5.37 15.11
CA ARG B 65 -16.85 5.20 13.75
C ARG B 65 -15.68 5.14 12.78
N THR B 66 -15.90 4.46 11.66
CA THR B 66 -14.90 4.32 10.61
C THR B 66 -15.49 4.81 9.30
N LEU B 67 -14.77 5.72 8.63
CA LEU B 67 -15.21 6.31 7.38
C LEU B 67 -14.47 5.61 6.24
N ARG B 68 -15.21 4.87 5.41
CA ARG B 68 -14.63 4.11 4.32
C ARG B 68 -15.18 4.59 2.99
N GLY B 69 -14.42 4.34 1.93
CA GLY B 69 -14.82 4.74 0.59
C GLY B 69 -13.66 5.19 -0.27
N HIS B 70 -12.50 5.38 0.34
CA HIS B 70 -11.30 5.73 -0.40
C HIS B 70 -10.69 4.50 -1.04
N LEU B 71 -9.99 4.72 -2.17
CA LEU B 71 -9.36 3.64 -2.91
C LEU B 71 -7.85 3.63 -2.81
N ALA B 72 -7.24 4.58 -2.10
CA ALA B 72 -5.79 4.64 -2.00
C ALA B 72 -5.36 5.21 -0.65
N LYS B 73 -4.10 5.62 -0.55
CA LYS B 73 -3.50 6.07 0.70
C LYS B 73 -3.83 7.55 0.91
N ILE B 74 -4.56 7.85 1.99
CA ILE B 74 -4.85 9.23 2.34
C ILE B 74 -3.57 9.93 2.72
N TYR B 75 -3.40 11.16 2.23
CA TYR B 75 -2.24 11.99 2.54
C TYR B 75 -2.56 13.18 3.43
N ALA B 76 -3.83 13.58 3.53
CA ALA B 76 -4.16 14.77 4.29
C ALA B 76 -5.63 14.71 4.70
N MET B 77 -5.98 15.49 5.71
CA MET B 77 -7.36 15.77 6.10
C MET B 77 -7.39 17.07 6.89
N HIS B 78 -8.57 17.68 7.01
CA HIS B 78 -8.66 18.98 7.70
C HIS B 78 -10.10 19.14 8.18
N TRP B 79 -10.26 19.33 9.48
CA TRP B 79 -11.59 19.58 10.04
C TRP B 79 -12.10 20.94 9.61
N GLY B 80 -13.42 21.08 9.59
CA GLY B 80 -14.03 22.34 9.24
C GLY B 80 -13.90 23.39 10.32
N THR B 81 -14.77 24.39 10.30
CA THR B 81 -14.74 25.45 11.30
C THR B 81 -15.63 25.16 12.50
N ASP B 82 -16.77 24.51 12.29
CA ASP B 82 -17.70 24.16 13.37
C ASP B 82 -17.84 22.65 13.56
N SER B 83 -16.78 21.90 13.27
CA SER B 83 -16.81 20.44 13.34
C SER B 83 -17.87 19.86 12.42
N ARG B 84 -18.15 18.56 12.56
CA ARG B 84 -19.23 17.88 11.87
C ARG B 84 -18.90 17.67 10.39
N LEU B 85 -17.79 18.25 9.93
CA LEU B 85 -17.36 18.10 8.55
C LEU B 85 -15.86 17.92 8.48
N LEU B 86 -15.41 17.13 7.51
CA LEU B 86 -13.99 16.93 7.27
C LEU B 86 -13.78 16.48 5.84
N VAL B 87 -12.71 16.96 5.24
CA VAL B 87 -12.39 16.66 3.84
C VAL B 87 -11.05 15.94 3.77
N SER B 88 -10.97 14.92 2.91
CA SER B 88 -9.77 14.09 2.80
C SER B 88 -9.39 13.94 1.35
N ALA B 89 -8.09 13.80 1.09
CA ALA B 89 -7.53 13.71 -0.25
C ALA B 89 -6.72 12.43 -0.39
N SER B 90 -6.88 11.74 -1.51
CA SER B 90 -6.24 10.46 -1.77
C SER B 90 -5.48 10.49 -3.09
N GLN B 91 -4.84 9.37 -3.42
CA GLN B 91 -4.13 9.21 -4.69
C GLN B 91 -5.05 8.85 -5.84
N ASP B 92 -6.28 8.43 -5.56
CA ASP B 92 -7.24 8.15 -6.64
C ASP B 92 -7.54 9.41 -7.45
N GLY B 93 -7.68 10.54 -6.78
CA GLY B 93 -8.06 11.78 -7.44
C GLY B 93 -9.45 12.21 -7.04
N LYS B 94 -9.83 11.94 -5.79
CA LYS B 94 -11.14 12.32 -5.28
C LYS B 94 -10.96 13.08 -3.98
N LEU B 95 -11.50 14.29 -3.93
CA LEU B 95 -11.48 15.10 -2.71
C LEU B 95 -12.81 14.95 -1.98
N ILE B 96 -13.07 13.76 -1.43
CA ILE B 96 -14.37 13.48 -0.84
C ILE B 96 -14.58 14.34 0.40
N ILE B 97 -15.81 14.85 0.54
CA ILE B 97 -16.20 15.65 1.70
C ILE B 97 -17.22 14.81 2.47
N TRP B 98 -16.86 14.43 3.70
CA TRP B 98 -17.74 13.62 4.53
C TRP B 98 -18.60 14.48 5.44
N ASP B 99 -19.64 13.87 5.97
CA ASP B 99 -20.41 14.43 7.08
C ASP B 99 -20.11 13.60 8.31
N SER B 100 -19.63 14.24 9.37
CA SER B 100 -19.03 13.55 10.50
C SER B 100 -20.05 13.04 11.51
N TYR B 101 -21.34 13.29 11.29
CA TYR B 101 -22.38 12.78 12.18
C TYR B 101 -23.07 11.54 11.66
N THR B 102 -23.46 11.53 10.39
CA THR B 102 -24.09 10.37 9.78
C THR B 102 -23.14 9.52 8.95
N THR B 103 -21.86 9.88 8.92
CA THR B 103 -20.84 9.18 8.13
C THR B 103 -21.25 9.07 6.67
N ASN B 104 -21.88 10.12 6.16
CA ASN B 104 -22.34 10.19 4.78
C ASN B 104 -21.44 11.11 3.97
N LYS B 105 -21.67 11.12 2.66
CA LYS B 105 -20.90 11.93 1.74
C LYS B 105 -21.76 13.04 1.15
N VAL B 106 -21.16 14.20 0.97
CA VAL B 106 -21.87 15.37 0.47
C VAL B 106 -21.34 15.77 -0.90
N HIS B 107 -20.05 15.50 -1.13
CA HIS B 107 -19.43 15.84 -2.40
C HIS B 107 -18.32 14.84 -2.75
N ALA B 108 -18.08 14.63 -4.03
CA ALA B 108 -17.06 13.70 -4.50
C ALA B 108 -16.25 14.35 -5.63
N ILE B 109 -15.80 15.58 -5.38
CA ILE B 109 -15.09 16.40 -6.36
C ILE B 109 -13.95 15.62 -7.00
N PRO B 110 -14.00 15.38 -8.32
CA PRO B 110 -12.90 14.67 -8.98
C PRO B 110 -11.78 15.60 -9.40
N LEU B 111 -10.56 15.30 -8.95
CA LEU B 111 -9.41 16.14 -9.27
C LEU B 111 -8.91 15.84 -10.69
N ARG B 112 -7.97 16.67 -11.14
CA ARG B 112 -7.33 16.48 -12.44
C ARG B 112 -6.03 15.70 -12.26
N SER B 113 -5.12 16.22 -11.42
CA SER B 113 -3.93 15.47 -11.07
C SER B 113 -4.26 14.41 -10.02
N SER B 114 -3.57 13.27 -10.09
CA SER B 114 -3.81 12.15 -9.20
C SER B 114 -2.82 12.08 -8.04
N TRP B 115 -1.99 13.11 -7.87
CA TRP B 115 -1.09 13.24 -6.71
C TRP B 115 -1.33 14.57 -6.02
N VAL B 116 -2.04 14.50 -4.94
CA VAL B 116 -2.28 15.62 -4.05
C VAL B 116 -1.70 15.29 -2.69
N MET B 117 -0.98 16.25 -2.13
CA MET B 117 -0.37 16.07 -0.81
C MET B 117 -0.89 17.10 0.18
N THR B 118 -1.81 17.96 -0.23
CA THR B 118 -2.33 19.02 0.62
C THR B 118 -3.85 18.98 0.65
N CYS B 119 -4.44 19.62 1.65
CA CYS B 119 -5.89 19.71 1.77
C CYS B 119 -6.25 20.76 2.80
N ALA B 120 -7.19 21.64 2.47
CA ALA B 120 -7.49 22.75 3.35
C ALA B 120 -8.93 23.23 3.22
N TYR B 121 -9.75 22.96 4.22
CA TYR B 121 -11.12 23.45 4.24
C TYR B 121 -11.13 24.90 4.71
N ALA B 122 -11.94 25.72 4.04
CA ALA B 122 -11.98 27.15 4.28
C ALA B 122 -12.59 27.44 5.65
N PRO B 123 -12.16 28.54 6.28
CA PRO B 123 -12.74 28.90 7.58
C PRO B 123 -14.21 29.31 7.52
N SER B 124 -14.72 29.68 6.35
CA SER B 124 -16.11 30.04 6.20
C SER B 124 -16.98 28.91 5.68
N GLY B 125 -16.37 27.88 5.10
CA GLY B 125 -17.11 26.75 4.56
C GLY B 125 -17.47 26.86 3.09
N ASN B 126 -16.87 27.78 2.35
CA ASN B 126 -17.21 28.02 0.95
C ASN B 126 -16.26 27.36 -0.03
N TYR B 127 -14.96 27.39 0.23
CA TYR B 127 -13.95 26.96 -0.72
C TYR B 127 -13.14 25.81 -0.17
N VAL B 128 -12.52 25.04 -1.07
CA VAL B 128 -11.56 24.01 -0.72
C VAL B 128 -10.37 24.14 -1.66
N ALA B 129 -9.18 23.88 -1.12
CA ALA B 129 -7.94 23.96 -1.88
C ALA B 129 -7.22 22.63 -1.83
N CYS B 130 -6.59 22.26 -2.93
CA CYS B 130 -5.96 20.96 -3.04
C CYS B 130 -5.00 20.95 -4.23
N GLY B 131 -3.75 20.56 -3.98
CA GLY B 131 -2.75 20.52 -5.03
C GLY B 131 -1.45 19.86 -4.62
N GLY B 132 -0.94 18.95 -5.44
CA GLY B 132 0.28 18.23 -5.12
C GLY B 132 1.39 18.38 -6.13
N LEU B 133 1.74 17.27 -6.80
CA LEU B 133 2.83 17.23 -7.77
C LEU B 133 2.51 17.95 -9.08
N ASP B 134 1.37 18.64 -9.15
CA ASP B 134 0.93 19.28 -10.38
C ASP B 134 1.59 20.65 -10.54
N ASN B 135 2.24 21.16 -9.49
CA ASN B 135 2.86 22.48 -9.42
C ASN B 135 1.84 23.61 -9.35
N ILE B 136 0.55 23.28 -9.25
CA ILE B 136 -0.52 24.25 -9.30
C ILE B 136 -1.44 24.04 -8.11
N CYS B 137 -1.80 25.12 -7.42
CA CYS B 137 -2.79 25.09 -6.35
C CYS B 137 -4.13 25.50 -6.92
N SER B 138 -5.15 24.67 -6.69
CA SER B 138 -6.49 24.88 -7.24
C SER B 138 -7.47 25.18 -6.13
N ILE B 139 -8.47 26.02 -6.45
CA ILE B 139 -9.52 26.41 -5.52
C ILE B 139 -10.84 25.92 -6.09
N TYR B 140 -11.63 25.23 -5.26
CA TYR B 140 -12.92 24.69 -5.67
C TYR B 140 -14.04 25.42 -4.95
N ASN B 141 -15.11 25.75 -5.69
CA ASN B 141 -16.26 26.46 -5.14
C ASN B 141 -17.35 25.44 -4.84
N LEU B 142 -17.65 25.25 -3.56
CA LEU B 142 -18.63 24.24 -3.15
C LEU B 142 -20.03 24.65 -3.57
N LYS B 143 -20.51 25.79 -3.07
CA LYS B 143 -21.88 26.22 -3.31
C LYS B 143 -21.92 27.20 -4.47
N THR B 144 -22.88 26.98 -5.38
CA THR B 144 -23.09 27.84 -6.54
C THR B 144 -24.58 28.04 -6.76
N ARG B 145 -24.93 28.56 -7.93
CA ARG B 145 -26.34 28.70 -8.29
C ARG B 145 -27.03 27.35 -8.39
N GLU B 146 -26.32 26.34 -8.89
CA GLU B 146 -26.83 24.97 -8.92
C GLU B 146 -25.92 24.05 -8.11
N GLY B 147 -26.44 22.87 -7.82
CA GLY B 147 -25.70 21.91 -7.01
C GLY B 147 -24.58 21.21 -7.76
N ASN B 148 -23.62 21.97 -8.25
CA ASN B 148 -22.47 21.43 -8.94
C ASN B 148 -21.21 22.15 -8.47
N VAL B 149 -20.12 21.40 -8.34
CA VAL B 149 -18.84 21.92 -7.88
C VAL B 149 -17.89 22.00 -9.06
N ARG B 150 -17.28 23.16 -9.26
CA ARG B 150 -16.34 23.39 -10.35
C ARG B 150 -15.16 24.21 -9.84
N VAL B 151 -14.02 24.05 -10.51
CA VAL B 151 -12.82 24.79 -10.15
C VAL B 151 -13.05 26.28 -10.39
N SER B 152 -12.52 27.12 -9.50
CA SER B 152 -12.66 28.56 -9.62
C SER B 152 -11.39 29.26 -10.06
N ARG B 153 -10.22 28.79 -9.65
CA ARG B 153 -8.95 29.38 -10.04
C ARG B 153 -7.88 28.30 -9.93
N GLU B 154 -6.75 28.54 -10.59
CA GLU B 154 -5.61 27.62 -10.57
C GLU B 154 -4.36 28.47 -10.34
N LEU B 155 -3.87 28.47 -9.10
CA LEU B 155 -2.71 29.29 -8.75
C LEU B 155 -1.43 28.65 -9.28
N ALA B 156 -0.69 29.40 -10.08
CA ALA B 156 0.52 28.91 -10.71
C ALA B 156 1.65 29.91 -10.51
N GLY B 157 2.89 29.41 -10.50
CA GLY B 157 4.05 30.25 -10.30
C GLY B 157 5.13 29.61 -9.46
N HIS B 158 4.88 28.41 -8.96
CA HIS B 158 5.86 27.66 -8.20
C HIS B 158 6.68 26.77 -9.13
N THR B 159 7.78 26.22 -8.62
CA THR B 159 8.66 25.37 -9.42
C THR B 159 9.00 24.10 -8.66
N GLY B 160 8.04 23.57 -7.90
CA GLY B 160 8.26 22.36 -7.15
C GLY B 160 6.96 21.87 -6.55
N TYR B 161 7.01 20.64 -6.05
CA TYR B 161 5.81 20.00 -5.52
C TYR B 161 5.27 20.77 -4.31
N LEU B 162 3.95 20.95 -4.29
CA LEU B 162 3.30 21.60 -3.17
C LEU B 162 3.27 20.66 -1.97
N SER B 163 3.65 21.19 -0.80
CA SER B 163 3.70 20.38 0.41
C SER B 163 2.69 20.77 1.47
N CYS B 164 2.25 22.03 1.50
CA CYS B 164 1.27 22.47 2.47
C CYS B 164 0.62 23.75 1.97
N CYS B 165 -0.67 23.92 2.26
CA CYS B 165 -1.39 25.15 1.96
C CYS B 165 -2.49 25.34 2.99
N ARG B 166 -2.61 26.56 3.51
CA ARG B 166 -3.60 26.87 4.52
C ARG B 166 -4.34 28.14 4.13
N PHE B 167 -5.58 28.25 4.60
CA PHE B 167 -6.43 29.40 4.33
C PHE B 167 -6.27 30.44 5.42
N LEU B 168 -5.90 31.66 5.03
CA LEU B 168 -5.83 32.76 5.98
C LEU B 168 -7.16 33.49 6.11
N ASP B 169 -7.89 33.64 5.00
CA ASP B 169 -9.26 34.13 5.00
C ASP B 169 -9.89 33.71 3.67
N ASP B 170 -11.07 34.27 3.39
CA ASP B 170 -11.78 33.91 2.17
C ASP B 170 -11.06 34.39 0.91
N ASN B 171 -10.13 35.34 1.02
CA ASN B 171 -9.53 35.97 -0.14
C ASN B 171 -8.00 35.95 -0.06
N GLN B 172 -7.43 35.15 0.84
CA GLN B 172 -5.99 35.03 0.93
C GLN B 172 -5.64 33.59 1.28
N ILE B 173 -4.60 33.06 0.64
CA ILE B 173 -4.14 31.69 0.86
C ILE B 173 -2.62 31.70 0.94
N VAL B 174 -2.07 30.89 1.83
CA VAL B 174 -0.63 30.77 2.03
C VAL B 174 -0.21 29.36 1.61
N THR B 175 0.83 29.29 0.77
CA THR B 175 1.26 28.01 0.22
C THR B 175 2.73 27.77 0.54
N SER B 176 3.07 26.51 0.75
CA SER B 176 4.43 26.08 1.01
C SER B 176 4.79 24.97 0.03
N SER B 177 5.85 25.19 -0.75
CA SER B 177 6.20 24.29 -1.86
C SER B 177 7.60 23.72 -1.65
N GLY B 178 8.03 22.92 -2.61
CA GLY B 178 9.32 22.26 -2.57
C GLY B 178 10.48 23.06 -3.12
N ASP B 179 10.23 24.25 -3.67
CA ASP B 179 11.32 25.09 -4.17
C ASP B 179 12.01 25.90 -3.08
N THR B 180 11.83 25.49 -1.83
CA THR B 180 12.46 26.13 -0.66
C THR B 180 12.02 27.59 -0.52
N THR B 181 10.83 27.90 -1.02
CA THR B 181 10.26 29.23 -0.88
C THR B 181 8.81 29.12 -0.45
N CYS B 182 8.38 30.03 0.42
CA CYS B 182 6.99 30.15 0.84
C CYS B 182 6.43 31.46 0.34
N ALA B 183 5.27 31.41 -0.32
CA ALA B 183 4.69 32.58 -0.94
C ALA B 183 3.23 32.74 -0.54
N LEU B 184 2.80 33.99 -0.42
CA LEU B 184 1.42 34.33 -0.11
C LEU B 184 0.71 34.80 -1.37
N TRP B 185 -0.48 34.26 -1.60
CA TRP B 185 -1.24 34.56 -2.80
C TRP B 185 -2.44 35.44 -2.46
N ASP B 186 -3.27 35.73 -3.46
CA ASP B 186 -4.46 36.54 -3.27
C ASP B 186 -5.44 36.11 -4.36
N ILE B 187 -6.48 35.37 -3.97
CA ILE B 187 -7.35 34.76 -4.96
C ILE B 187 -8.47 35.72 -5.36
N GLU B 188 -8.13 36.70 -6.19
CA GLU B 188 -9.09 37.46 -6.97
C GLU B 188 -8.53 37.64 -8.38
N THR B 189 -7.20 37.58 -8.48
CA THR B 189 -6.49 37.73 -9.74
C THR B 189 -5.40 36.69 -9.94
N GLY B 190 -5.11 35.86 -8.95
CA GLY B 190 -4.07 34.85 -9.08
C GLY B 190 -2.67 35.40 -9.21
N GLN B 191 -2.32 36.39 -8.40
CA GLN B 191 -0.98 36.99 -8.42
C GLN B 191 -0.39 36.96 -7.02
N GLN B 192 0.93 36.74 -6.96
CA GLN B 192 1.61 36.69 -5.67
C GLN B 192 1.64 38.07 -5.02
N THR B 193 1.73 38.07 -3.69
CA THR B 193 1.84 39.31 -2.92
C THR B 193 3.16 39.42 -2.16
N THR B 194 3.59 38.37 -1.48
CA THR B 194 4.82 38.39 -0.72
C THR B 194 5.49 37.03 -0.85
N THR B 195 6.82 37.03 -0.82
CA THR B 195 7.59 35.80 -0.94
C THR B 195 8.54 35.69 0.24
N PHE B 196 8.53 34.54 0.91
CA PHE B 196 9.38 34.28 2.06
C PHE B 196 10.53 33.38 1.63
N THR B 197 11.73 33.94 1.56
CA THR B 197 12.92 33.20 1.16
C THR B 197 13.94 33.17 2.29
N GLY B 198 14.80 32.17 2.26
CA GLY B 198 15.83 32.03 3.28
C GLY B 198 16.09 30.59 3.68
N HIS B 199 15.26 29.67 3.18
CA HIS B 199 15.39 28.26 3.52
C HIS B 199 16.35 27.58 2.55
N THR B 200 17.09 26.60 3.07
CA THR B 200 18.02 25.83 2.25
C THR B 200 17.34 24.59 1.67
N GLY B 201 16.85 23.72 2.55
CA GLY B 201 16.13 22.54 2.11
C GLY B 201 14.67 22.84 1.83
N ASP B 202 13.97 21.81 1.38
CA ASP B 202 12.55 21.92 1.08
C ASP B 202 11.74 21.95 2.36
N VAL B 203 10.60 22.65 2.31
CA VAL B 203 9.71 22.83 3.45
C VAL B 203 8.44 22.02 3.22
N MET B 204 7.99 21.34 4.27
CA MET B 204 6.85 20.43 4.18
C MET B 204 5.91 20.61 5.36
N SER B 205 5.92 21.80 5.96
CA SER B 205 5.06 22.07 7.11
C SER B 205 4.79 23.56 7.25
N LEU B 206 3.52 23.95 7.26
CA LEU B 206 3.11 25.34 7.30
C LEU B 206 1.89 25.46 8.21
N SER B 207 2.11 25.88 9.45
CA SER B 207 1.05 26.01 10.43
C SER B 207 0.82 27.49 10.76
N LEU B 208 -0.41 27.95 10.61
CA LEU B 208 -0.76 29.32 10.93
C LEU B 208 -1.00 29.46 12.44
N ALA B 209 -1.15 30.71 12.87
CA ALA B 209 -1.37 31.05 14.27
C ALA B 209 -2.79 31.60 14.45
N PRO B 210 -3.35 31.48 15.66
CA PRO B 210 -4.70 32.01 15.89
C PRO B 210 -4.82 33.50 15.60
N ASP B 211 -3.77 34.28 15.86
CA ASP B 211 -3.78 35.71 15.57
C ASP B 211 -3.81 36.01 14.09
N THR B 212 -3.52 35.02 13.23
CA THR B 212 -3.49 35.19 11.78
C THR B 212 -2.50 36.28 11.37
N ARG B 213 -1.37 36.35 12.07
CA ARG B 213 -0.30 37.29 11.73
C ARG B 213 1.07 36.64 11.65
N LEU B 214 1.27 35.45 12.20
CA LEU B 214 2.56 34.77 12.17
C LEU B 214 2.36 33.31 11.84
N PHE B 215 3.38 32.70 11.23
CA PHE B 215 3.38 31.27 10.96
C PHE B 215 4.82 30.75 10.94
N VAL B 216 4.96 29.44 11.08
CA VAL B 216 6.27 28.81 11.11
C VAL B 216 6.36 27.81 9.96
N SER B 217 7.59 27.52 9.55
CA SER B 217 7.86 26.54 8.50
C SER B 217 8.98 25.61 8.96
N GLY B 218 8.80 24.32 8.75
CA GLY B 218 9.81 23.34 9.08
C GLY B 218 10.40 22.67 7.86
N ALA B 219 11.67 22.98 7.56
CA ALA B 219 12.31 22.46 6.36
C ALA B 219 12.95 21.11 6.61
N CYS B 220 13.70 20.61 5.62
CA CYS B 220 14.46 19.37 5.75
C CYS B 220 15.83 19.58 6.35
N ASP B 221 16.31 20.82 6.42
CA ASP B 221 17.61 21.19 6.97
C ASP B 221 17.67 21.10 8.51
N ALA B 222 16.63 20.55 9.13
CA ALA B 222 16.51 20.43 10.57
C ALA B 222 16.54 21.81 11.24
N SER B 223 15.62 22.65 10.79
CA SER B 223 15.51 24.02 11.29
C SER B 223 14.07 24.49 11.10
N ALA B 224 13.75 25.62 11.73
CA ALA B 224 12.44 26.21 11.60
C ALA B 224 12.56 27.72 11.77
N LYS B 225 11.68 28.45 11.10
CA LYS B 225 11.69 29.90 11.12
C LYS B 225 10.30 30.42 11.47
N LEU B 226 10.26 31.69 11.88
CA LEU B 226 9.01 32.36 12.25
C LEU B 226 8.84 33.57 11.33
N TRP B 227 7.96 33.44 10.34
CA TRP B 227 7.72 34.50 9.38
C TRP B 227 6.63 35.44 9.86
N ASP B 228 6.65 36.66 9.32
CA ASP B 228 5.65 37.67 9.61
C ASP B 228 4.88 37.97 8.33
N VAL B 229 3.55 37.91 8.41
CA VAL B 229 2.68 38.11 7.25
C VAL B 229 2.61 39.59 6.91
N ARG B 230 2.91 40.45 7.89
CA ARG B 230 2.76 41.89 7.71
C ARG B 230 3.99 42.55 7.10
N GLU B 231 5.19 42.09 7.45
CA GLU B 231 6.42 42.70 6.95
C GLU B 231 7.22 41.80 6.03
N GLY B 232 6.90 40.51 5.96
CA GLY B 232 7.51 39.62 4.99
C GLY B 232 9.00 39.37 5.13
N MET B 233 9.47 39.11 6.36
CA MET B 233 10.85 38.69 6.56
C MET B 233 10.94 37.90 7.84
N CYS B 234 11.95 37.02 7.91
CA CYS B 234 12.12 36.12 9.04
C CYS B 234 12.47 36.89 10.30
N ARG B 235 12.05 36.35 11.45
CA ARG B 235 12.33 36.94 12.75
C ARG B 235 12.95 35.98 13.75
N GLN B 236 12.64 34.69 13.70
CA GLN B 236 13.16 33.74 14.68
C GLN B 236 13.66 32.50 13.95
N THR B 237 14.84 32.04 14.33
CA THR B 237 15.43 30.82 13.77
C THR B 237 15.56 29.77 14.87
N PHE B 238 14.99 28.60 14.64
CA PHE B 238 14.97 27.53 15.62
C PHE B 238 15.68 26.30 15.07
N THR B 239 16.61 25.76 15.85
CA THR B 239 17.36 24.56 15.47
C THR B 239 17.42 23.62 16.66
N GLY B 240 17.92 22.41 16.41
CA GLY B 240 18.06 21.43 17.47
C GLY B 240 17.78 20.00 17.04
N HIS B 241 17.25 19.83 15.83
CA HIS B 241 16.98 18.50 15.31
C HIS B 241 18.17 17.94 14.55
N GLU B 242 18.13 16.64 14.31
CA GLU B 242 19.16 15.94 13.55
C GLU B 242 18.63 15.31 12.28
N SER B 243 17.39 15.62 11.90
CA SER B 243 16.78 15.06 10.71
C SER B 243 15.74 16.05 10.18
N ASP B 244 15.07 15.69 9.09
CA ASP B 244 14.10 16.57 8.47
C ASP B 244 12.87 16.73 9.35
N ILE B 245 12.13 17.82 9.11
CA ILE B 245 10.94 18.13 9.88
C ILE B 245 9.73 17.65 9.07
N ASN B 246 8.88 16.83 9.69
CA ASN B 246 7.72 16.27 9.03
C ASN B 246 6.42 17.01 9.36
N ALA B 247 6.29 17.55 10.56
CA ALA B 247 5.05 18.22 10.95
C ALA B 247 5.35 19.26 12.01
N ILE B 248 4.41 20.19 12.17
CA ILE B 248 4.55 21.28 13.13
C ILE B 248 3.15 21.80 13.46
N CYS B 249 2.99 22.34 14.65
CA CYS B 249 1.68 22.80 15.11
C CYS B 249 1.84 23.70 16.32
N PHE B 250 1.14 24.84 16.31
CA PHE B 250 1.18 25.77 17.43
C PHE B 250 0.48 25.19 18.66
N PHE B 251 0.81 25.76 19.82
CA PHE B 251 0.17 25.64 21.12
C PHE B 251 -1.08 26.53 21.16
N PRO B 252 -2.16 26.05 21.78
CA PRO B 252 -3.42 26.82 21.75
C PRO B 252 -3.29 28.25 22.27
N ASN B 253 -2.43 28.45 23.27
CA ASN B 253 -2.25 29.79 23.82
C ASN B 253 -1.64 30.73 22.77
N GLY B 254 -0.68 30.24 21.99
CA GLY B 254 -0.01 31.07 21.02
C GLY B 254 1.36 31.55 21.48
N ASN B 255 2.10 30.66 22.15
CA ASN B 255 3.40 31.03 22.69
C ASN B 255 4.45 29.98 22.33
N ALA B 256 4.06 28.81 21.86
CA ALA B 256 5.00 27.72 21.60
C ALA B 256 4.42 26.83 20.51
N PHE B 257 5.25 25.93 19.99
CA PHE B 257 4.81 24.96 19.01
C PHE B 257 5.55 23.64 19.20
N ALA B 258 4.96 22.56 18.68
CA ALA B 258 5.56 21.25 18.71
C ALA B 258 6.08 20.89 17.33
N THR B 259 7.18 20.13 17.29
CA THR B 259 7.84 19.79 16.05
C THR B 259 8.20 18.31 16.05
N GLY B 260 8.01 17.67 14.91
CA GLY B 260 8.30 16.25 14.75
C GLY B 260 9.38 16.02 13.71
N SER B 261 10.15 14.96 13.90
CA SER B 261 11.25 14.63 12.99
C SER B 261 11.29 13.15 12.68
N ASP B 262 12.37 12.69 12.03
CA ASP B 262 12.54 11.29 11.67
C ASP B 262 13.47 10.56 12.63
N ASP B 263 13.80 11.17 13.77
CA ASP B 263 14.66 10.55 14.77
C ASP B 263 13.88 10.13 16.01
N ALA B 264 12.58 9.90 15.88
CA ALA B 264 11.72 9.47 16.98
C ALA B 264 11.81 10.45 18.15
N THR B 265 11.75 11.74 17.83
CA THR B 265 11.87 12.78 18.85
C THR B 265 10.85 13.88 18.58
N CYS B 266 10.24 14.37 19.65
CA CYS B 266 9.32 15.50 19.60
C CYS B 266 9.85 16.61 20.50
N ARG B 267 9.71 17.84 20.02
CA ARG B 267 10.30 19.00 20.70
C ARG B 267 9.26 20.11 20.82
N LEU B 268 9.36 20.87 21.90
CA LEU B 268 8.45 21.98 22.18
C LEU B 268 9.30 23.25 22.30
N PHE B 269 9.44 23.97 21.19
CA PHE B 269 10.21 25.19 21.18
C PHE B 269 9.42 26.33 21.83
N ASP B 270 10.11 27.44 22.10
CA ASP B 270 9.51 28.61 22.71
C ASP B 270 9.81 29.85 21.87
N LEU B 271 8.79 30.69 21.70
CA LEU B 271 8.96 31.96 20.98
C LEU B 271 9.36 33.12 21.89
N ARG B 272 9.34 32.93 23.21
CA ARG B 272 9.64 34.01 24.13
C ARG B 272 11.11 34.05 24.51
N ALA B 273 11.65 32.93 24.99
CA ALA B 273 13.05 32.86 25.39
C ALA B 273 13.98 32.44 24.26
N ASP B 274 13.42 32.08 23.09
CA ASP B 274 14.19 31.62 21.94
C ASP B 274 15.11 30.47 22.33
N GLN B 275 14.51 29.40 22.83
CA GLN B 275 15.29 28.25 23.29
C GLN B 275 14.45 26.99 23.14
N GLU B 276 15.15 25.86 23.09
CA GLU B 276 14.50 24.55 23.09
C GLU B 276 14.11 24.17 24.51
N LEU B 277 12.82 23.92 24.72
CA LEU B 277 12.34 23.48 26.02
C LEU B 277 12.39 21.96 26.11
N MET B 278 11.71 21.40 27.13
CA MET B 278 11.69 19.96 27.38
C MET B 278 11.37 19.18 26.11
N THR B 279 11.91 17.96 26.01
CA THR B 279 11.81 17.16 24.79
C THR B 279 11.28 15.78 25.14
N TYR B 280 10.53 15.19 24.22
CA TYR B 280 10.01 13.84 24.39
C TYR B 280 10.91 12.82 23.70
N SER B 281 10.98 11.63 24.27
CA SER B 281 11.79 10.55 23.72
C SER B 281 11.42 9.26 24.42
N HIS B 282 11.71 8.14 23.76
CA HIS B 282 11.45 6.82 24.34
C HIS B 282 12.27 5.79 23.56
N ASP B 283 13.02 4.97 24.29
CA ASP B 283 13.99 4.08 23.64
C ASP B 283 13.35 2.96 22.86
N ASN B 284 12.07 2.67 23.08
CA ASN B 284 11.41 1.57 22.37
C ASN B 284 10.85 1.99 21.02
N ILE B 285 11.02 3.25 20.62
CA ILE B 285 10.54 3.75 19.34
C ILE B 285 11.75 4.17 18.52
N ILE B 286 11.80 3.72 17.26
CA ILE B 286 12.93 3.98 16.39
C ILE B 286 12.42 4.54 15.06
N CYS B 287 11.11 4.61 14.90
CA CYS B 287 10.52 5.11 13.66
C CYS B 287 10.53 6.63 13.62
N GLY B 288 9.84 7.21 12.66
CA GLY B 288 9.84 8.66 12.47
C GLY B 288 8.46 9.25 12.71
N ILE B 289 8.44 10.46 13.28
CA ILE B 289 7.18 11.16 13.51
C ILE B 289 6.59 11.59 12.17
N THR B 290 5.27 11.48 12.04
CA THR B 290 4.59 11.87 10.82
C THR B 290 3.62 13.03 11.00
N SER B 291 3.02 13.19 12.18
CA SER B 291 2.05 14.26 12.41
C SER B 291 1.91 14.56 13.89
N VAL B 292 1.80 15.84 14.25
CA VAL B 292 1.72 16.28 15.64
C VAL B 292 0.68 17.38 15.75
N SER B 293 -0.16 17.30 16.79
CA SER B 293 -1.15 18.34 17.07
C SER B 293 -1.46 18.35 18.56
N PHE B 294 -1.99 19.48 19.02
CA PHE B 294 -2.33 19.69 20.43
C PHE B 294 -3.84 19.58 20.62
N SER B 295 -4.24 19.31 21.86
CA SER B 295 -5.65 19.35 22.23
C SER B 295 -6.07 20.79 22.50
N LYS B 296 -7.30 20.96 23.00
CA LYS B 296 -7.80 22.29 23.28
C LYS B 296 -7.06 22.95 24.44
N SER B 297 -6.93 22.24 25.56
CA SER B 297 -6.31 22.84 26.74
C SER B 297 -4.80 22.97 26.58
N GLY B 298 -4.16 21.93 26.05
CA GLY B 298 -2.72 21.96 25.86
C GLY B 298 -1.98 21.08 26.83
N ARG B 299 -2.62 20.01 27.31
CA ARG B 299 -1.99 19.05 28.20
C ARG B 299 -1.71 17.72 27.52
N LEU B 300 -2.44 17.38 26.46
CA LEU B 300 -2.20 16.17 25.70
C LEU B 300 -1.63 16.53 24.34
N LEU B 301 -0.62 15.77 23.90
CA LEU B 301 0.06 16.01 22.63
C LEU B 301 0.08 14.69 21.85
N LEU B 302 -0.96 14.47 21.05
CA LEU B 302 -1.02 13.29 20.21
C LEU B 302 0.04 13.37 19.12
N ALA B 303 0.53 12.21 18.69
CA ALA B 303 1.53 12.15 17.63
C ALA B 303 1.41 10.82 16.92
N GLY B 304 1.74 10.83 15.63
CA GLY B 304 1.73 9.62 14.82
C GLY B 304 3.10 8.98 14.76
N TYR B 305 3.14 7.79 14.15
CA TYR B 305 4.37 7.02 14.05
C TYR B 305 4.28 6.07 12.88
N ASP B 306 5.44 5.60 12.41
CA ASP B 306 5.48 4.66 11.31
C ASP B 306 5.31 3.21 11.76
N ASP B 307 5.29 2.95 13.06
CA ASP B 307 5.09 1.60 13.56
C ASP B 307 3.61 1.27 13.79
N PHE B 308 2.71 1.90 13.04
CA PHE B 308 1.33 1.47 12.87
C PHE B 308 0.44 1.87 14.04
N ASN B 309 0.92 2.73 14.94
CA ASN B 309 0.09 3.19 16.05
C ASN B 309 0.20 4.71 16.18
N CYS B 310 -0.45 5.25 17.21
CA CYS B 310 -0.52 6.69 17.44
C CYS B 310 -0.41 6.93 18.95
N ASN B 311 0.82 7.10 19.43
CA ASN B 311 1.06 7.32 20.85
C ASN B 311 0.51 8.67 21.30
N VAL B 312 0.17 8.78 22.58
CA VAL B 312 -0.32 10.05 23.14
C VAL B 312 0.55 10.45 24.33
N TRP B 313 1.24 11.57 24.19
CA TRP B 313 2.19 12.01 25.22
C TRP B 313 1.52 12.97 26.19
N ASP B 314 2.19 13.20 27.31
CA ASP B 314 1.82 14.25 28.25
C ASP B 314 2.65 15.49 27.94
N ALA B 315 1.98 16.63 27.80
CA ALA B 315 2.66 17.85 27.39
C ALA B 315 3.59 18.41 28.45
N LEU B 316 3.49 17.94 29.70
CA LEU B 316 4.27 18.52 30.80
C LEU B 316 5.33 17.57 31.33
N LYS B 317 4.94 16.33 31.65
CA LYS B 317 5.84 15.39 32.33
C LYS B 317 6.45 14.36 31.39
N ALA B 318 5.98 14.29 30.14
CA ALA B 318 6.46 13.33 29.16
C ALA B 318 6.31 11.89 29.65
N ASP B 319 5.08 11.48 29.96
CA ASP B 319 4.79 10.10 30.30
C ASP B 319 3.67 9.64 29.38
N ARG B 320 3.90 8.54 28.67
CA ARG B 320 2.91 8.02 27.73
C ARG B 320 1.64 7.65 28.49
N ALA B 321 0.49 8.19 28.05
CA ALA B 321 -0.78 8.00 28.73
C ALA B 321 -1.73 7.11 27.95
N GLY B 322 -1.22 6.41 26.94
CA GLY B 322 -2.05 5.51 26.16
C GLY B 322 -1.47 5.31 24.78
N VAL B 323 -2.05 4.33 24.08
CA VAL B 323 -1.65 4.02 22.72
C VAL B 323 -2.89 3.94 21.85
N LEU B 324 -2.94 4.74 20.79
CA LEU B 324 -4.08 4.72 19.88
C LEU B 324 -3.83 3.76 18.74
N ALA B 325 -3.69 2.48 19.05
CA ALA B 325 -3.44 1.44 18.05
C ALA B 325 -4.76 0.94 17.48
N GLY B 326 -4.66 0.32 16.30
CA GLY B 326 -5.83 -0.17 15.61
C GLY B 326 -5.75 0.02 14.11
N HIS B 327 -4.67 0.64 13.65
CA HIS B 327 -4.42 0.85 12.24
C HIS B 327 -3.59 -0.29 11.68
N ASP B 328 -3.60 -0.42 10.36
CA ASP B 328 -2.91 -1.51 9.69
C ASP B 328 -1.64 -1.05 9.00
N ASN B 329 -1.54 0.22 8.63
CA ASN B 329 -0.36 0.74 7.98
C ASN B 329 0.03 2.06 8.62
N ARG B 330 0.96 2.77 7.96
CA ARG B 330 1.45 4.05 8.47
C ARG B 330 0.31 5.05 8.66
N VAL B 331 0.35 5.80 9.74
CA VAL B 331 -0.55 6.93 9.93
C VAL B 331 0.11 8.16 9.30
N SER B 332 -0.62 8.82 8.41
CA SER B 332 -0.04 9.88 7.60
C SER B 332 -0.46 11.28 8.04
N CYS B 333 -1.59 11.41 8.73
CA CYS B 333 -2.11 12.72 9.08
C CYS B 333 -3.21 12.56 10.11
N LEU B 334 -3.34 13.55 10.99
CA LEU B 334 -4.37 13.55 12.02
C LEU B 334 -4.68 14.99 12.40
N GLY B 335 -5.91 15.22 12.87
CA GLY B 335 -6.31 16.56 13.26
C GLY B 335 -7.36 16.60 14.35
N VAL B 336 -7.11 17.38 15.40
CA VAL B 336 -8.06 17.51 16.48
C VAL B 336 -9.07 18.62 16.16
N THR B 337 -10.34 18.31 16.38
CA THR B 337 -11.40 19.27 16.08
C THR B 337 -11.33 20.48 17.00
N ASP B 338 -12.06 21.53 16.61
CA ASP B 338 -11.95 22.81 17.32
C ASP B 338 -12.55 22.73 18.72
N ASP B 339 -13.76 22.19 18.85
CA ASP B 339 -14.39 22.13 20.17
C ASP B 339 -13.69 21.13 21.08
N GLY B 340 -13.15 20.05 20.50
CA GLY B 340 -12.31 19.15 21.25
C GLY B 340 -12.90 17.78 21.51
N MET B 341 -14.08 17.50 20.96
CA MET B 341 -14.78 16.25 21.24
C MET B 341 -14.54 15.20 20.16
N ALA B 342 -13.46 15.32 19.40
CA ALA B 342 -13.20 14.39 18.31
C ALA B 342 -11.75 14.40 17.85
N VAL B 343 -11.18 13.21 17.64
CA VAL B 343 -9.88 13.07 17.01
C VAL B 343 -10.06 12.18 15.79
N ALA B 344 -9.25 12.38 14.76
CA ALA B 344 -9.35 11.56 13.56
C ALA B 344 -7.95 11.32 13.02
N THR B 345 -7.69 10.09 12.60
CA THR B 345 -6.37 9.70 12.08
C THR B 345 -6.56 9.05 10.72
N GLY B 346 -5.84 9.54 9.72
CA GLY B 346 -5.82 8.93 8.40
C GLY B 346 -4.59 8.05 8.24
N SER B 347 -4.73 6.99 7.44
CA SER B 347 -3.67 6.01 7.29
C SER B 347 -3.60 5.57 5.83
N TRP B 348 -2.60 4.72 5.56
CA TRP B 348 -2.43 4.16 4.23
C TRP B 348 -3.34 2.94 4.06
N ASP B 349 -4.10 2.61 5.10
CA ASP B 349 -5.09 1.56 5.07
C ASP B 349 -6.34 1.96 4.28
N SER B 350 -6.39 3.20 3.79
CA SER B 350 -7.51 3.76 3.03
C SER B 350 -8.76 3.93 3.89
N PHE B 351 -8.66 3.77 5.21
CA PHE B 351 -9.78 3.92 6.12
C PHE B 351 -9.52 5.10 7.04
N LEU B 352 -10.45 6.05 7.09
CA LEU B 352 -10.41 7.06 8.14
C LEU B 352 -11.05 6.51 9.41
N LYS B 353 -10.49 6.91 10.55
CA LYS B 353 -10.98 6.43 11.84
C LYS B 353 -11.14 7.66 12.75
N ILE B 354 -12.38 7.97 13.10
CA ILE B 354 -12.68 9.12 13.94
C ILE B 354 -12.84 8.67 15.39
N TRP B 355 -11.82 8.93 16.21
CA TRP B 355 -11.82 8.42 17.57
C TRP B 355 -12.50 9.41 18.51
N ASN B 356 -12.51 9.05 19.79
CA ASN B 356 -13.12 9.88 20.82
C ASN B 356 -12.33 9.81 22.12
N ASP C 152 -10.06 -52.56 23.70
CA ASP C 152 -9.16 -53.38 22.89
C ASP C 152 -8.92 -52.70 21.54
N VAL C 153 -9.27 -53.40 20.46
CA VAL C 153 -9.17 -52.80 19.13
C VAL C 153 -10.12 -51.62 19.01
N ARG C 154 -11.35 -51.77 19.53
CA ARG C 154 -12.36 -50.73 19.42
C ARG C 154 -11.93 -49.45 20.12
N ALA C 155 -11.27 -49.58 21.28
CA ALA C 155 -10.81 -48.39 21.99
C ALA C 155 -9.78 -47.62 21.17
N SER C 156 -8.83 -48.33 20.58
CA SER C 156 -7.84 -47.68 19.72
C SER C 156 -8.50 -47.04 18.50
N LEU C 157 -9.48 -47.74 17.92
CA LEU C 157 -10.22 -47.18 16.80
C LEU C 157 -10.87 -45.86 17.19
N TYR C 158 -11.58 -45.84 18.33
CA TYR C 158 -12.18 -44.60 18.80
C TYR C 158 -11.13 -43.53 19.02
N SER C 159 -9.97 -43.90 19.57
CA SER C 159 -8.92 -42.91 19.82
C SER C 159 -8.49 -42.24 18.53
N LEU C 160 -8.10 -43.03 17.52
CA LEU C 160 -7.65 -42.44 16.27
C LEU C 160 -8.75 -41.64 15.57
N MET C 161 -9.98 -42.17 15.54
CA MET C 161 -11.03 -41.46 14.85
C MET C 161 -11.36 -40.13 15.54
N VAL C 162 -11.53 -40.14 16.87
CA VAL C 162 -11.84 -38.88 17.54
C VAL C 162 -10.67 -37.91 17.39
N LEU C 163 -9.44 -38.42 17.33
CA LEU C 163 -8.31 -37.55 17.01
C LEU C 163 -8.51 -36.88 15.66
N ILE C 164 -8.99 -37.64 14.67
CA ILE C 164 -9.22 -37.07 13.34
C ILE C 164 -10.28 -35.97 13.40
N ILE C 165 -11.40 -36.23 14.07
CA ILE C 165 -12.45 -35.21 14.15
C ILE C 165 -11.95 -33.96 14.88
N LEU C 166 -11.28 -34.13 16.02
CA LEU C 166 -10.80 -32.96 16.75
C LEU C 166 -9.81 -32.15 15.93
N THR C 167 -8.87 -32.82 15.26
CA THR C 167 -7.86 -32.07 14.51
C THR C 167 -8.48 -31.36 13.31
N THR C 168 -9.43 -32.00 12.61
CA THR C 168 -10.03 -31.35 11.46
C THR C 168 -10.88 -30.16 11.89
N LEU C 169 -11.63 -30.31 12.99
CA LEU C 169 -12.42 -29.19 13.49
C LEU C 169 -11.54 -28.03 13.90
N VAL C 170 -10.43 -28.33 14.60
CA VAL C 170 -9.53 -27.26 15.05
C VAL C 170 -8.93 -26.53 13.86
N GLY C 171 -8.42 -27.28 12.88
CA GLY C 171 -7.81 -26.65 11.73
C GLY C 171 -8.79 -25.79 10.93
N ASN C 172 -9.98 -26.34 10.66
CA ASN C 172 -10.96 -25.59 9.89
C ASN C 172 -11.44 -24.36 10.65
N LEU C 173 -11.64 -24.47 11.96
CA LEU C 173 -12.07 -23.32 12.75
C LEU C 173 -10.99 -22.23 12.76
N ILE C 174 -9.73 -22.63 12.89
CA ILE C 174 -8.64 -21.66 12.89
C ILE C 174 -8.60 -20.93 11.55
N VAL C 175 -8.72 -21.67 10.46
CA VAL C 175 -8.69 -21.05 9.13
C VAL C 175 -9.86 -20.08 8.96
N ILE C 176 -11.05 -20.50 9.39
CA ILE C 176 -12.23 -19.66 9.26
C ILE C 176 -12.06 -18.36 10.04
N VAL C 177 -11.60 -18.48 11.29
CA VAL C 177 -11.44 -17.30 12.14
C VAL C 177 -10.38 -16.37 11.57
N SER C 178 -9.25 -16.93 11.12
CA SER C 178 -8.17 -16.11 10.57
C SER C 178 -8.62 -15.37 9.32
N ILE C 179 -9.38 -16.03 8.44
CA ILE C 179 -9.83 -15.35 7.23
C ILE C 179 -10.89 -14.30 7.57
N SER C 180 -11.81 -14.61 8.49
CA SER C 180 -12.92 -13.72 8.75
C SER C 180 -12.52 -12.48 9.54
N HIS C 181 -11.70 -12.65 10.59
CA HIS C 181 -11.40 -11.55 11.50
C HIS C 181 -10.51 -10.49 10.85
N PHE C 182 -9.43 -10.90 10.21
CA PHE C 182 -8.48 -9.95 9.63
C PHE C 182 -9.12 -9.24 8.45
N LYS C 183 -8.72 -7.97 8.25
CA LYS C 183 -9.22 -7.16 7.15
C LYS C 183 -8.22 -7.06 6.00
N GLN C 184 -6.93 -7.26 6.26
CA GLN C 184 -5.93 -7.25 5.20
C GLN C 184 -5.96 -8.50 4.35
N LEU C 185 -6.72 -9.51 4.73
CA LEU C 185 -6.92 -10.72 3.94
C LEU C 185 -8.40 -10.79 3.53
N HIS C 186 -8.73 -10.12 2.43
CA HIS C 186 -10.09 -10.08 1.91
C HIS C 186 -10.14 -10.23 0.40
N THR C 187 -9.04 -10.61 -0.24
CA THR C 187 -9.03 -10.84 -1.67
C THR C 187 -9.98 -11.98 -2.01
N PRO C 188 -10.60 -11.94 -3.19
CA PRO C 188 -11.66 -12.93 -3.51
C PRO C 188 -11.21 -14.39 -3.41
N THR C 189 -9.93 -14.69 -3.63
CA THR C 189 -9.47 -16.07 -3.49
C THR C 189 -9.61 -16.57 -2.06
N ASN C 190 -9.34 -15.71 -1.08
CA ASN C 190 -9.52 -16.11 0.31
C ASN C 190 -10.98 -16.41 0.64
N TRP C 191 -11.93 -15.83 -0.10
CA TRP C 191 -13.32 -16.19 0.12
C TRP C 191 -13.60 -17.62 -0.32
N LEU C 192 -13.03 -18.04 -1.44
CA LEU C 192 -13.13 -19.45 -1.84
C LEU C 192 -12.48 -20.35 -0.82
N ILE C 193 -11.31 -19.96 -0.31
CA ILE C 193 -10.65 -20.76 0.71
C ILE C 193 -11.52 -20.88 1.96
N HIS C 194 -12.14 -19.77 2.35
CA HIS C 194 -13.01 -19.77 3.53
C HIS C 194 -14.23 -20.65 3.31
N SER C 195 -14.82 -20.61 2.10
CA SER C 195 -15.96 -21.47 1.82
C SER C 195 -15.57 -22.94 1.90
N MET C 196 -14.41 -23.30 1.36
CA MET C 196 -13.93 -24.67 1.48
C MET C 196 -13.72 -25.05 2.95
N ALA C 197 -13.19 -24.11 3.75
CA ALA C 197 -12.98 -24.38 5.16
C ALA C 197 -14.30 -24.63 5.89
N THR C 198 -15.33 -23.84 5.57
CA THR C 198 -16.64 -24.08 6.19
C THR C 198 -17.22 -25.41 5.75
N VAL C 199 -17.01 -25.80 4.49
CA VAL C 199 -17.47 -27.12 4.04
C VAL C 199 -16.81 -28.21 4.85
N ASP C 200 -15.49 -28.11 5.05
CA ASP C 200 -14.79 -29.12 5.84
C ASP C 200 -15.27 -29.11 7.29
N PHE C 201 -15.52 -27.93 7.84
CA PHE C 201 -16.00 -27.84 9.23
C PHE C 201 -17.36 -28.52 9.39
N LEU C 202 -18.27 -28.29 8.45
CA LEU C 202 -19.56 -28.98 8.49
C LEU C 202 -19.39 -30.47 8.32
N LEU C 203 -18.51 -30.89 7.41
CA LEU C 203 -18.28 -32.33 7.22
C LEU C 203 -17.72 -32.97 8.48
N GLY C 204 -16.96 -32.22 9.27
CA GLY C 204 -16.44 -32.72 10.53
C GLY C 204 -17.46 -32.69 11.65
N CYS C 205 -18.39 -31.74 11.59
CA CYS C 205 -19.37 -31.58 12.65
C CYS C 205 -20.61 -32.45 12.48
N LEU C 206 -20.93 -32.90 11.27
CA LEU C 206 -22.19 -33.61 11.09
C LEU C 206 -22.06 -35.12 10.90
N VAL C 207 -21.27 -35.58 9.93
CA VAL C 207 -21.44 -36.95 9.46
C VAL C 207 -20.45 -37.90 10.15
N MET C 208 -19.21 -37.47 10.35
CA MET C 208 -18.19 -38.41 10.80
C MET C 208 -18.44 -39.11 12.15
N PRO C 209 -19.10 -38.49 13.15
CA PRO C 209 -19.43 -39.27 14.35
C PRO C 209 -20.29 -40.50 14.07
N TYR C 210 -21.31 -40.33 13.21
CA TYR C 210 -22.20 -41.45 12.91
C TYR C 210 -21.54 -42.51 12.05
N SER C 211 -20.72 -42.06 11.07
CA SER C 211 -19.95 -43.04 10.26
C SER C 211 -19.05 -43.79 11.23
N MET C 212 -18.40 -43.06 12.12
CA MET C 212 -17.50 -43.66 13.10
C MET C 212 -18.18 -44.78 13.87
N VAL C 213 -19.35 -44.49 14.45
CA VAL C 213 -20.03 -45.50 15.26
C VAL C 213 -20.49 -46.67 14.40
N ARG C 214 -20.98 -46.36 13.19
CA ARG C 214 -21.42 -47.44 12.28
C ARG C 214 -20.23 -48.37 12.02
N SER C 215 -19.13 -47.81 11.52
CA SER C 215 -17.98 -48.64 11.20
C SER C 215 -17.46 -49.36 12.44
N ALA C 216 -17.68 -48.77 13.62
CA ALA C 216 -17.19 -49.38 14.85
C ALA C 216 -17.95 -50.66 15.17
N GLU C 217 -19.28 -50.61 15.21
CA GLU C 217 -20.04 -51.80 15.58
C GLU C 217 -20.77 -52.46 14.42
N HIS C 218 -20.56 -52.00 13.18
CA HIS C 218 -21.07 -52.67 11.98
C HIS C 218 -22.60 -52.77 11.99
N CYS C 219 -23.25 -52.00 12.85
CA CYS C 219 -24.69 -52.02 12.97
C CYS C 219 -25.22 -50.59 13.02
N TRP C 220 -26.45 -50.40 12.53
CA TRP C 220 -27.05 -49.08 12.38
C TRP C 220 -28.18 -48.93 13.39
N TYR C 221 -27.84 -48.38 14.55
CA TYR C 221 -28.84 -48.09 15.58
C TYR C 221 -29.57 -46.78 15.31
N PHE C 222 -30.14 -46.63 14.12
CA PHE C 222 -30.85 -45.41 13.76
C PHE C 222 -31.98 -45.77 12.81
N GLY C 223 -32.62 -44.75 12.24
CA GLY C 223 -33.71 -44.96 11.32
C GLY C 223 -33.30 -44.83 9.86
N GLU C 224 -34.14 -45.38 8.98
CA GLU C 224 -33.84 -45.34 7.56
C GLU C 224 -33.86 -43.93 7.00
N VAL C 225 -34.77 -43.07 7.49
CA VAL C 225 -34.79 -41.69 7.03
C VAL C 225 -33.54 -40.96 7.48
N PHE C 226 -33.09 -41.23 8.71
CA PHE C 226 -31.84 -40.65 9.21
C PHE C 226 -30.66 -41.11 8.37
N CYS C 227 -30.67 -42.38 7.97
CA CYS C 227 -29.61 -42.91 7.11
C CYS C 227 -29.62 -42.21 5.75
N LYS C 228 -30.81 -42.01 5.19
CA LYS C 228 -30.92 -41.30 3.91
C LYS C 228 -30.38 -39.88 4.03
N ILE C 229 -30.71 -39.19 5.14
CA ILE C 229 -30.20 -37.84 5.35
C ILE C 229 -28.68 -37.87 5.44
N HIS C 230 -28.14 -38.84 6.18
CA HIS C 230 -26.71 -38.98 6.33
C HIS C 230 -26.03 -39.18 4.98
N THR C 231 -26.57 -40.09 4.16
CA THR C 231 -25.98 -40.39 2.86
C THR C 231 -26.01 -39.17 1.95
N SER C 232 -27.16 -38.48 1.89
CA SER C 232 -27.27 -37.31 1.03
C SER C 232 -26.30 -36.22 1.47
N THR C 233 -26.19 -35.99 2.79
CA THR C 233 -25.28 -34.99 3.29
C THR C 233 -23.83 -35.34 2.95
N ASP C 234 -23.46 -36.61 3.10
CA ASP C 234 -22.10 -37.03 2.79
C ASP C 234 -21.78 -36.80 1.32
N ILE C 235 -22.69 -37.23 0.43
CA ILE C 235 -22.48 -37.03 -1.01
C ILE C 235 -22.41 -35.57 -1.40
N MET C 236 -23.23 -34.72 -0.79
CA MET C 236 -23.15 -33.29 -1.07
C MET C 236 -21.85 -32.65 -0.58
N LEU C 237 -21.43 -32.98 0.65
CA LEU C 237 -20.27 -32.34 1.25
C LEU C 237 -18.94 -32.87 0.74
N SER C 238 -18.92 -34.02 0.05
CA SER C 238 -17.68 -34.38 -0.64
C SER C 238 -17.56 -33.67 -1.99
N SER C 239 -18.65 -33.62 -2.75
CA SER C 239 -18.63 -32.96 -4.04
C SER C 239 -18.38 -31.47 -3.90
N ALA C 240 -18.85 -30.86 -2.80
CA ALA C 240 -18.55 -29.45 -2.57
C ALA C 240 -17.05 -29.22 -2.49
N SER C 241 -16.35 -30.05 -1.72
CA SER C 241 -14.90 -29.91 -1.59
C SER C 241 -14.20 -30.13 -2.92
N ILE C 242 -14.62 -31.15 -3.68
CA ILE C 242 -13.97 -31.41 -4.96
C ILE C 242 -14.16 -30.22 -5.91
N PHE C 243 -15.37 -29.67 -5.97
CA PHE C 243 -15.63 -28.54 -6.85
C PHE C 243 -14.83 -27.32 -6.42
N HIS C 244 -14.69 -27.10 -5.10
CA HIS C 244 -13.89 -25.97 -4.64
C HIS C 244 -12.42 -26.13 -5.03
N LEU C 245 -11.88 -27.35 -4.93
CA LEU C 245 -10.51 -27.57 -5.39
C LEU C 245 -10.35 -27.26 -6.87
N SER C 246 -11.31 -27.72 -7.68
CA SER C 246 -11.24 -27.44 -9.12
C SER C 246 -11.28 -25.94 -9.40
N PHE C 247 -12.15 -25.22 -8.69
CA PHE C 247 -12.26 -23.78 -8.91
C PHE C 247 -11.01 -23.04 -8.48
N ILE C 248 -10.39 -23.46 -7.38
CA ILE C 248 -9.12 -22.87 -6.97
C ILE C 248 -8.06 -23.10 -8.04
N SER C 249 -8.03 -24.30 -8.62
CA SER C 249 -7.08 -24.58 -9.70
C SER C 249 -7.31 -23.65 -10.88
N ILE C 250 -8.57 -23.45 -11.28
CA ILE C 250 -8.85 -22.56 -12.41
C ILE C 250 -8.44 -21.13 -12.09
N ASP C 251 -8.66 -20.71 -10.85
CA ASP C 251 -8.25 -19.37 -10.43
C ASP C 251 -6.74 -19.19 -10.56
N ARG C 252 -5.97 -20.17 -10.09
CA ARG C 252 -4.52 -20.06 -10.22
C ARG C 252 -4.09 -20.09 -11.69
N TYR C 253 -4.82 -20.83 -12.53
CA TYR C 253 -4.50 -20.84 -13.95
C TYR C 253 -4.66 -19.45 -14.55
N TYR C 254 -5.78 -18.79 -14.27
CA TYR C 254 -5.96 -17.43 -14.77
C TYR C 254 -4.93 -16.47 -14.15
N ALA C 255 -4.49 -16.76 -12.93
CA ALA C 255 -3.52 -15.89 -12.28
C ALA C 255 -2.14 -15.98 -12.94
N VAL C 256 -1.72 -17.17 -13.36
CA VAL C 256 -0.33 -17.36 -13.77
C VAL C 256 -0.26 -17.69 -15.26
N CYS C 257 -1.29 -17.29 -16.01
CA CYS C 257 -1.23 -17.48 -17.46
C CYS C 257 -1.65 -16.23 -18.21
N ASP C 258 -2.44 -15.38 -17.56
CA ASP C 258 -2.89 -14.11 -18.15
C ASP C 258 -2.69 -12.99 -17.13
N PRO C 259 -1.43 -12.63 -16.86
CA PRO C 259 -1.15 -11.73 -15.73
C PRO C 259 -1.80 -10.36 -15.86
N LEU C 260 -1.90 -9.82 -17.08
CA LEU C 260 -2.41 -8.47 -17.23
C LEU C 260 -3.89 -8.37 -16.86
N ARG C 261 -4.70 -9.26 -17.42
CA ARG C 261 -6.15 -9.24 -17.18
C ARG C 261 -6.53 -10.23 -16.09
N TYR C 262 -5.94 -10.03 -14.91
CA TYR C 262 -6.23 -10.89 -13.77
C TYR C 262 -7.21 -10.27 -12.77
N LYS C 263 -6.99 -9.02 -12.38
CA LYS C 263 -7.87 -8.35 -11.43
C LYS C 263 -9.16 -7.86 -12.08
N ALA C 264 -9.24 -7.86 -13.41
CA ALA C 264 -10.45 -7.43 -14.11
C ALA C 264 -11.35 -8.59 -14.51
N LYS C 265 -10.91 -9.83 -14.32
CA LYS C 265 -11.71 -11.00 -14.64
C LYS C 265 -11.97 -11.91 -13.44
N MET C 266 -11.38 -11.59 -12.29
CA MET C 266 -11.57 -12.37 -11.07
C MET C 266 -12.14 -11.48 -9.97
N ASN C 267 -13.14 -10.69 -10.35
CA ASN C 267 -13.85 -9.83 -9.41
C ASN C 267 -14.75 -10.67 -8.51
N ILE C 268 -15.31 -10.00 -7.48
CA ILE C 268 -16.06 -10.70 -6.46
C ILE C 268 -17.33 -11.35 -7.02
N LEU C 269 -17.86 -10.80 -8.12
CA LEU C 269 -19.06 -11.38 -8.72
C LEU C 269 -18.79 -12.79 -9.23
N VAL C 270 -17.66 -12.98 -9.92
CA VAL C 270 -17.33 -14.31 -10.45
C VAL C 270 -17.11 -15.29 -9.31
N ILE C 271 -16.44 -14.87 -8.24
CA ILE C 271 -16.20 -15.76 -7.11
C ILE C 271 -17.52 -16.13 -6.43
N CYS C 272 -18.44 -15.17 -6.30
CA CYS C 272 -19.73 -15.47 -5.70
C CYS C 272 -20.51 -16.47 -6.56
N VAL C 273 -20.48 -16.29 -7.89
CA VAL C 273 -21.14 -17.25 -8.77
C VAL C 273 -20.49 -18.63 -8.64
N MET C 274 -19.16 -18.66 -8.50
CA MET C 274 -18.46 -19.93 -8.33
C MET C 274 -18.90 -20.63 -7.05
N ILE C 275 -19.02 -19.89 -5.95
CA ILE C 275 -19.45 -20.49 -4.70
C ILE C 275 -20.89 -20.98 -4.81
N PHE C 276 -21.75 -20.20 -5.46
CA PHE C 276 -23.14 -20.62 -5.60
C PHE C 276 -23.27 -21.90 -6.42
N ILE C 277 -22.57 -21.97 -7.55
CA ILE C 277 -22.64 -23.16 -8.39
C ILE C 277 -21.93 -24.34 -7.74
N SER C 278 -20.98 -24.07 -6.83
CA SER C 278 -20.33 -25.14 -6.08
C SER C 278 -21.25 -25.74 -5.03
N TRP C 279 -22.02 -24.89 -4.35
CA TRP C 279 -22.94 -25.38 -3.32
C TRP C 279 -24.25 -25.93 -3.88
N SER C 280 -24.68 -25.48 -5.05
CA SER C 280 -26.04 -25.81 -5.53
C SER C 280 -26.11 -27.19 -6.19
N VAL C 281 -25.33 -27.40 -7.25
CA VAL C 281 -25.44 -28.58 -8.10
C VAL C 281 -25.26 -29.88 -7.31
N PRO C 282 -24.24 -30.03 -6.44
CA PRO C 282 -24.13 -31.26 -5.66
C PRO C 282 -25.38 -31.56 -4.83
N ALA C 283 -25.99 -30.51 -4.27
CA ALA C 283 -27.18 -30.70 -3.44
C ALA C 283 -28.32 -31.30 -4.24
N VAL C 284 -28.63 -30.68 -5.38
CA VAL C 284 -29.73 -31.17 -6.22
C VAL C 284 -29.43 -32.59 -6.69
N PHE C 285 -28.19 -32.80 -7.16
CA PHE C 285 -27.80 -34.12 -7.67
C PHE C 285 -27.97 -35.20 -6.61
N ALA C 286 -27.42 -34.97 -5.42
CA ALA C 286 -27.45 -35.98 -4.36
C ALA C 286 -28.88 -36.25 -3.90
N PHE C 287 -29.63 -35.18 -3.64
CA PHE C 287 -30.99 -35.37 -3.12
C PHE C 287 -31.89 -36.04 -4.17
N GLY C 288 -31.70 -35.69 -5.45
CA GLY C 288 -32.43 -36.36 -6.50
C GLY C 288 -32.09 -37.82 -6.61
N MET C 289 -30.81 -38.17 -6.50
CA MET C 289 -30.43 -39.58 -6.58
C MET C 289 -30.98 -40.37 -5.40
N ILE C 290 -30.90 -39.82 -4.20
CA ILE C 290 -31.26 -40.60 -3.01
C ILE C 290 -32.77 -40.65 -2.82
N PHE C 291 -33.43 -39.49 -2.76
CA PHE C 291 -34.83 -39.46 -2.35
C PHE C 291 -35.76 -39.94 -3.47
N LEU C 292 -35.37 -39.72 -4.72
CA LEU C 292 -36.23 -40.12 -5.83
C LEU C 292 -35.94 -41.57 -6.25
N GLU C 293 -35.33 -42.33 -5.34
CA GLU C 293 -35.01 -43.76 -5.51
C GLU C 293 -34.51 -44.06 -6.93
N LEU C 294 -33.54 -43.24 -7.35
CA LEU C 294 -32.98 -43.36 -8.69
C LEU C 294 -31.67 -44.14 -8.73
N ASN C 295 -30.99 -44.34 -7.60
CA ASN C 295 -29.72 -45.05 -7.62
C ASN C 295 -29.92 -46.53 -7.94
N PHE C 296 -31.06 -47.11 -7.57
CA PHE C 296 -31.33 -48.50 -7.85
C PHE C 296 -32.47 -48.73 -8.83
N LYS C 297 -33.11 -47.66 -9.32
CA LYS C 297 -34.30 -47.78 -10.16
C LYS C 297 -34.08 -48.73 -11.34
N GLY C 298 -32.84 -48.81 -11.85
CA GLY C 298 -32.56 -49.69 -12.96
C GLY C 298 -32.83 -51.16 -12.65
N ALA C 299 -32.35 -51.62 -11.49
CA ALA C 299 -32.53 -53.02 -11.11
C ALA C 299 -32.96 -53.16 -9.66
N GLU C 300 -33.88 -54.08 -9.39
CA GLU C 300 -34.45 -54.22 -8.05
C GLU C 300 -34.13 -55.57 -7.43
N GLU C 301 -34.00 -56.60 -8.26
CA GLU C 301 -33.70 -57.94 -7.77
C GLU C 301 -32.34 -57.96 -7.07
N ILE C 302 -31.35 -57.29 -7.68
CA ILE C 302 -30.03 -57.22 -7.07
C ILE C 302 -30.09 -56.45 -5.75
N TYR C 303 -30.90 -55.39 -5.70
CA TYR C 303 -31.03 -54.61 -4.47
C TYR C 303 -31.64 -55.45 -3.36
N TYR C 304 -32.67 -56.24 -3.69
CA TYR C 304 -33.31 -57.06 -2.65
C TYR C 304 -32.42 -58.23 -2.24
N LYS C 305 -31.55 -58.71 -3.14
CA LYS C 305 -30.50 -59.62 -2.71
C LYS C 305 -29.51 -58.92 -1.78
N HIS C 306 -29.19 -57.66 -2.08
CA HIS C 306 -28.26 -56.90 -1.28
C HIS C 306 -28.78 -56.70 0.14
N VAL C 307 -30.09 -56.44 0.29
CA VAL C 307 -30.67 -56.27 1.62
C VAL C 307 -31.08 -57.58 2.27
N HIS C 308 -30.88 -58.71 1.60
CA HIS C 308 -31.21 -60.00 2.20
C HIS C 308 -30.31 -60.30 3.39
N CYS C 309 -29.11 -59.70 3.42
CA CYS C 309 -28.13 -59.97 4.46
C CYS C 309 -27.73 -58.69 5.17
N ARG C 310 -26.68 -58.77 6.00
CA ARG C 310 -26.13 -57.66 6.81
C ARG C 310 -27.29 -56.92 7.46
N GLY C 311 -27.40 -55.60 7.33
CA GLY C 311 -28.46 -54.85 7.96
C GLY C 311 -28.10 -53.41 8.24
N GLY C 312 -26.82 -53.06 8.13
CA GLY C 312 -26.44 -51.67 8.03
C GLY C 312 -26.82 -51.14 6.67
N CYS C 313 -27.05 -49.83 6.61
CA CYS C 313 -27.48 -49.21 5.36
C CYS C 313 -26.25 -48.81 4.55
N SER C 314 -25.83 -49.71 3.67
CA SER C 314 -24.73 -49.47 2.75
C SER C 314 -25.31 -48.92 1.46
N VAL C 315 -24.53 -48.08 0.78
CA VAL C 315 -25.01 -47.38 -0.41
C VAL C 315 -24.87 -48.33 -1.60
N PHE C 316 -25.95 -48.48 -2.35
CA PHE C 316 -26.00 -49.38 -3.50
C PHE C 316 -26.05 -48.55 -4.77
N PHE C 317 -25.18 -48.88 -5.73
CA PHE C 317 -25.07 -48.14 -6.98
C PHE C 317 -25.22 -49.10 -8.14
N SER C 318 -26.08 -48.75 -9.10
CA SER C 318 -26.31 -49.60 -10.25
C SER C 318 -25.17 -49.43 -11.26
N LYS C 319 -25.28 -50.15 -12.38
CA LYS C 319 -24.27 -50.07 -13.42
C LYS C 319 -24.26 -48.71 -14.10
N ILE C 320 -25.40 -48.01 -14.08
CA ILE C 320 -25.48 -46.68 -14.69
C ILE C 320 -25.25 -45.58 -13.67
N SER C 321 -25.83 -45.73 -12.47
CA SER C 321 -25.66 -44.71 -11.44
C SER C 321 -24.19 -44.58 -11.03
N GLY C 322 -23.48 -45.70 -10.96
CA GLY C 322 -22.08 -45.67 -10.61
C GLY C 322 -21.23 -44.88 -11.60
N VAL C 323 -21.43 -45.14 -12.90
CA VAL C 323 -20.66 -44.41 -13.91
C VAL C 323 -21.08 -42.94 -13.94
N LEU C 324 -22.37 -42.68 -13.69
CA LEU C 324 -22.85 -41.30 -13.65
C LEU C 324 -22.18 -40.53 -12.51
N THR C 325 -22.07 -41.15 -11.33
CA THR C 325 -21.40 -40.51 -10.22
C THR C 325 -19.90 -40.36 -10.49
N PHE C 326 -19.29 -41.37 -11.12
CA PHE C 326 -17.87 -41.31 -11.41
C PHE C 326 -17.53 -40.16 -12.35
N MET C 327 -18.33 -40.00 -13.42
CA MET C 327 -18.06 -39.00 -14.44
C MET C 327 -18.72 -37.65 -14.13
N THR C 328 -19.07 -37.41 -12.86
CA THR C 328 -19.68 -36.13 -12.50
C THR C 328 -19.01 -35.51 -11.26
N SER C 329 -18.32 -36.30 -10.45
CA SER C 329 -17.71 -35.76 -9.24
C SER C 329 -16.21 -36.00 -9.14
N PHE C 330 -15.64 -36.90 -9.93
CA PHE C 330 -14.20 -37.17 -9.84
C PHE C 330 -13.47 -36.84 -11.13
N TYR C 331 -13.96 -37.36 -12.25
CA TYR C 331 -13.22 -37.34 -13.50
C TYR C 331 -12.93 -35.94 -14.02
N ILE C 332 -13.96 -35.12 -14.14
CA ILE C 332 -13.83 -33.78 -14.73
C ILE C 332 -12.92 -32.88 -13.88
N PRO C 333 -13.16 -32.74 -12.56
CA PRO C 333 -12.24 -31.92 -11.76
C PRO C 333 -10.82 -32.45 -11.77
N GLY C 334 -10.65 -33.78 -11.76
CA GLY C 334 -9.31 -34.33 -11.81
C GLY C 334 -8.59 -34.00 -13.09
N SER C 335 -9.27 -34.14 -14.23
CA SER C 335 -8.67 -33.81 -15.52
C SER C 335 -8.31 -32.33 -15.58
N ILE C 336 -9.22 -31.47 -15.11
CA ILE C 336 -8.95 -30.04 -15.15
C ILE C 336 -7.74 -29.69 -14.29
N MET C 337 -7.67 -30.27 -13.10
CA MET C 337 -6.52 -30.01 -12.23
C MET C 337 -5.22 -30.50 -12.86
N LEU C 338 -5.26 -31.70 -13.46
CA LEU C 338 -4.07 -32.23 -14.13
C LEU C 338 -3.57 -31.28 -15.22
N CYS C 339 -4.47 -30.87 -16.12
CA CYS C 339 -4.06 -30.00 -17.22
C CYS C 339 -3.53 -28.66 -16.71
N VAL C 340 -4.26 -28.03 -15.79
CA VAL C 340 -3.86 -26.72 -15.30
C VAL C 340 -2.51 -26.78 -14.62
N TYR C 341 -2.30 -27.77 -13.74
CA TYR C 341 -1.04 -27.82 -13.02
C TYR C 341 0.11 -28.24 -13.92
N TYR C 342 -0.14 -29.05 -14.95
CA TYR C 342 0.93 -29.35 -15.90
C TYR C 342 1.37 -28.10 -16.65
N ARG C 343 0.41 -27.30 -17.11
CA ARG C 343 0.77 -26.06 -17.81
C ARG C 343 1.54 -25.11 -16.89
N ILE C 344 1.08 -24.97 -15.65
CA ILE C 344 1.78 -24.11 -14.70
C ILE C 344 3.18 -24.62 -14.44
N TYR C 345 3.35 -25.94 -14.36
CA TYR C 345 4.68 -26.52 -14.17
C TYR C 345 5.61 -26.17 -15.32
N LEU C 346 5.11 -26.29 -16.56
CA LEU C 346 5.95 -25.95 -17.71
C LEU C 346 6.37 -24.49 -17.69
N ILE C 347 5.42 -23.59 -17.42
CA ILE C 347 5.73 -22.16 -17.40
C ILE C 347 6.74 -21.84 -16.31
N ALA C 348 6.53 -22.39 -15.12
CA ALA C 348 7.45 -22.13 -14.01
C ALA C 348 8.83 -22.68 -14.30
N LYS C 349 8.91 -23.86 -14.92
CA LYS C 349 10.20 -24.44 -15.27
C LYS C 349 10.95 -23.54 -16.26
N GLU C 350 10.25 -23.03 -17.27
CA GLU C 350 10.92 -22.17 -18.25
C GLU C 350 11.44 -20.89 -17.59
N GLN C 351 10.60 -20.23 -16.78
CA GLN C 351 11.03 -18.99 -16.14
C GLN C 351 12.20 -19.25 -15.18
N ALA C 352 12.13 -20.34 -14.41
CA ALA C 352 13.21 -20.66 -13.49
C ALA C 352 14.51 -20.95 -14.22
N ARG C 353 14.42 -21.64 -15.36
CA ARG C 353 15.64 -21.92 -16.13
C ARG C 353 16.25 -20.63 -16.65
N LEU C 354 15.42 -19.71 -17.15
CA LEU C 354 15.97 -18.44 -17.63
C LEU C 354 16.63 -17.66 -16.51
N ILE C 355 15.98 -17.59 -15.35
CA ILE C 355 16.55 -16.86 -14.21
C ILE C 355 17.86 -17.50 -13.77
N SER C 356 17.88 -18.84 -13.70
CA SER C 356 19.08 -19.55 -13.28
C SER C 356 20.22 -19.30 -14.25
N ASP C 357 19.94 -19.33 -15.55
CA ASP C 357 20.96 -19.08 -16.56
C ASP C 357 21.54 -17.68 -16.42
N ALA C 358 20.66 -16.68 -16.28
CA ALA C 358 21.11 -15.30 -16.16
C ALA C 358 21.97 -15.11 -14.92
N ASN C 359 21.51 -15.61 -13.77
CA ASN C 359 22.26 -15.44 -12.54
C ASN C 359 23.55 -16.25 -12.52
N GLN C 360 23.59 -17.41 -13.16
CA GLN C 360 24.82 -18.18 -13.26
C GLN C 360 25.84 -17.46 -14.12
N LYS C 361 25.38 -16.87 -15.23
CA LYS C 361 26.29 -16.11 -16.08
C LYS C 361 26.83 -14.89 -15.35
N LEU C 362 25.97 -14.17 -14.62
CA LEU C 362 26.41 -12.93 -13.97
C LEU C 362 27.19 -13.21 -12.69
N GLN C 363 27.05 -14.42 -12.14
CA GLN C 363 27.69 -14.73 -10.86
C GLN C 363 29.21 -14.70 -10.98
N ILE C 364 29.74 -15.28 -12.05
CA ILE C 364 31.19 -15.32 -12.24
C ILE C 364 31.57 -14.52 -13.49
N ARG C 378 14.29 -26.57 -6.92
CA ARG C 378 13.08 -26.65 -7.74
C ARG C 378 11.83 -26.60 -6.86
N LYS C 379 11.33 -25.39 -6.63
CA LYS C 379 10.16 -25.23 -5.76
C LYS C 379 8.88 -25.66 -6.45
N ALA C 380 8.82 -25.55 -7.77
CA ALA C 380 7.57 -25.86 -8.48
C ALA C 380 7.21 -27.33 -8.35
N VAL C 381 8.18 -28.23 -8.53
CA VAL C 381 7.91 -29.65 -8.42
C VAL C 381 7.65 -30.05 -6.98
N LYS C 382 8.26 -29.36 -6.01
CA LYS C 382 8.02 -29.64 -4.61
C LYS C 382 6.67 -29.10 -4.13
N THR C 383 6.11 -28.11 -4.82
CA THR C 383 4.84 -27.52 -4.43
C THR C 383 3.65 -28.18 -5.12
N LEU C 384 3.69 -28.32 -6.45
CA LEU C 384 2.57 -28.94 -7.15
C LEU C 384 2.47 -30.43 -6.82
N GLY C 385 3.61 -31.07 -6.61
CA GLY C 385 3.64 -32.48 -6.27
C GLY C 385 2.90 -32.79 -5.00
N ILE C 386 3.07 -31.96 -3.97
CA ILE C 386 2.39 -32.19 -2.70
C ILE C 386 0.88 -32.19 -2.90
N VAL C 387 0.37 -31.16 -3.57
CA VAL C 387 -1.08 -31.03 -3.75
C VAL C 387 -1.62 -32.21 -4.54
N MET C 388 -0.98 -32.51 -5.68
CA MET C 388 -1.53 -33.53 -6.56
C MET C 388 -1.42 -34.91 -5.93
N GLY C 389 -0.31 -35.20 -5.26
CA GLY C 389 -0.15 -36.47 -4.57
C GLY C 389 -1.16 -36.65 -3.47
N VAL C 390 -1.38 -35.62 -2.65
CA VAL C 390 -2.36 -35.72 -1.58
C VAL C 390 -3.74 -36.01 -2.16
N PHE C 391 -4.16 -35.21 -3.14
CA PHE C 391 -5.50 -35.37 -3.69
C PHE C 391 -5.67 -36.75 -4.32
N LEU C 392 -4.71 -37.18 -5.14
CA LEU C 392 -4.83 -38.46 -5.82
C LEU C 392 -4.84 -39.62 -4.83
N ILE C 393 -3.87 -39.67 -3.92
CA ILE C 393 -3.81 -40.78 -2.97
C ILE C 393 -5.07 -40.81 -2.10
N CYS C 394 -5.60 -39.65 -1.72
CA CYS C 394 -6.76 -39.62 -0.84
C CYS C 394 -8.07 -39.94 -1.55
N TRP C 395 -8.20 -39.67 -2.85
CA TRP C 395 -9.48 -39.89 -3.51
C TRP C 395 -9.54 -41.07 -4.47
N CYS C 396 -8.49 -41.31 -5.27
CA CYS C 396 -8.60 -42.22 -6.41
C CYS C 396 -9.05 -43.64 -6.06
N PRO C 397 -8.43 -44.34 -5.08
CA PRO C 397 -8.80 -45.75 -4.84
C PRO C 397 -10.27 -45.95 -4.53
N PHE C 398 -10.85 -45.02 -3.76
CA PHE C 398 -12.25 -45.12 -3.39
C PHE C 398 -13.15 -45.10 -4.62
N PHE C 399 -12.91 -44.14 -5.51
CA PHE C 399 -13.76 -44.01 -6.70
C PHE C 399 -13.52 -45.15 -7.67
N ILE C 400 -12.29 -45.69 -7.72
CA ILE C 400 -12.03 -46.85 -8.57
C ILE C 400 -12.83 -48.04 -8.08
N CYS C 401 -12.77 -48.32 -6.77
CA CYS C 401 -13.52 -49.44 -6.22
C CYS C 401 -15.02 -49.25 -6.39
N THR C 402 -15.50 -48.03 -6.15
CA THR C 402 -16.92 -47.73 -6.25
C THR C 402 -17.44 -47.99 -7.66
N VAL C 403 -16.68 -47.58 -8.68
CA VAL C 403 -17.15 -47.75 -10.05
C VAL C 403 -17.00 -49.21 -10.49
N MET C 404 -15.97 -49.90 -9.99
CA MET C 404 -15.77 -51.28 -10.42
C MET C 404 -16.76 -52.25 -9.78
N ASP C 405 -17.29 -51.92 -8.60
CA ASP C 405 -18.19 -52.86 -7.92
C ASP C 405 -19.42 -53.23 -8.75
N PRO C 406 -20.16 -52.28 -9.34
CA PRO C 406 -21.38 -52.67 -10.08
C PRO C 406 -21.12 -53.63 -11.24
N PHE C 407 -20.00 -53.46 -11.94
CA PHE C 407 -19.71 -54.35 -13.06
C PHE C 407 -19.39 -55.76 -12.61
N LEU C 408 -18.73 -55.91 -11.46
CA LEU C 408 -18.51 -57.23 -10.88
C LEU C 408 -19.75 -57.66 -10.11
N HIS C 409 -19.64 -58.73 -9.33
CA HIS C 409 -20.78 -59.29 -8.60
C HIS C 409 -20.70 -58.95 -7.13
N TYR C 410 -20.14 -57.78 -6.81
CA TYR C 410 -20.05 -57.27 -5.43
C TYR C 410 -19.36 -58.28 -4.52
N ILE C 411 -18.10 -58.54 -4.82
CA ILE C 411 -17.31 -59.51 -4.06
C ILE C 411 -16.19 -58.82 -3.30
N ILE C 412 -16.38 -57.54 -3.01
CA ILE C 412 -15.39 -56.73 -2.30
C ILE C 412 -15.79 -56.66 -0.84
N PRO C 413 -14.97 -57.13 0.09
CA PRO C 413 -15.30 -57.05 1.51
C PRO C 413 -15.36 -55.60 1.98
N PRO C 414 -16.24 -55.28 2.93
CA PRO C 414 -16.32 -53.91 3.45
C PRO C 414 -15.06 -53.48 4.18
N THR C 415 -14.19 -54.44 4.51
CA THR C 415 -12.94 -54.12 5.20
C THR C 415 -12.10 -53.17 4.37
N LEU C 416 -12.19 -53.25 3.04
CA LEU C 416 -11.56 -52.25 2.20
C LEU C 416 -12.39 -50.96 2.16
N ASN C 417 -13.71 -51.11 2.16
CA ASN C 417 -14.60 -49.96 1.95
C ASN C 417 -14.47 -48.93 3.08
N ASP C 418 -14.36 -49.40 4.32
CA ASP C 418 -14.26 -48.46 5.44
C ASP C 418 -12.96 -47.65 5.36
N VAL C 419 -11.86 -48.30 4.99
CA VAL C 419 -10.60 -47.58 4.82
C VAL C 419 -10.72 -46.58 3.68
N LEU C 420 -11.36 -46.99 2.58
CA LEU C 420 -11.50 -46.10 1.43
C LEU C 420 -12.33 -44.87 1.78
N ILE C 421 -13.42 -45.06 2.52
CA ILE C 421 -14.27 -43.90 2.86
C ILE C 421 -13.57 -43.03 3.90
N TRP C 422 -12.74 -43.62 4.76
CA TRP C 422 -12.00 -42.83 5.73
C TRP C 422 -10.87 -42.03 5.09
N PHE C 423 -10.35 -42.49 3.94
CA PHE C 423 -9.36 -41.69 3.22
C PHE C 423 -9.93 -40.35 2.80
N GLY C 424 -11.20 -40.30 2.41
CA GLY C 424 -11.80 -39.02 2.04
C GLY C 424 -11.87 -38.05 3.20
N TYR C 425 -12.27 -38.57 4.35
CA TYR C 425 -12.29 -37.72 5.54
C TYR C 425 -10.84 -37.22 5.75
N LEU C 426 -9.86 -38.12 5.77
CA LEU C 426 -8.49 -37.72 6.02
C LEU C 426 -8.05 -36.63 5.05
N ASN C 427 -8.49 -36.72 3.79
CA ASN C 427 -8.23 -35.64 2.84
C ASN C 427 -8.85 -34.33 3.31
N SER C 428 -10.11 -34.38 3.74
CA SER C 428 -10.76 -33.18 4.23
C SER C 428 -10.01 -32.60 5.41
N THR C 429 -9.38 -33.47 6.22
CA THR C 429 -8.52 -33.00 7.29
C THR C 429 -7.28 -32.30 6.75
N PHE C 430 -6.68 -32.84 5.69
CA PHE C 430 -5.40 -32.34 5.17
C PHE C 430 -5.56 -31.18 4.18
N ASN C 431 -6.72 -30.54 4.11
CA ASN C 431 -6.88 -29.42 3.19
C ASN C 431 -6.32 -28.11 3.70
N PRO C 432 -6.61 -27.67 4.93
CA PRO C 432 -6.10 -26.37 5.40
C PRO C 432 -4.61 -26.34 5.70
N MET C 433 -3.91 -27.48 5.68
CA MET C 433 -2.47 -27.51 5.84
C MET C 433 -1.76 -27.59 4.49
N VAL C 434 -2.51 -27.51 3.39
CA VAL C 434 -1.93 -27.52 2.06
C VAL C 434 -2.36 -26.27 1.32
N TYR C 435 -3.52 -25.72 1.70
CA TYR C 435 -4.07 -24.55 1.01
C TYR C 435 -3.98 -23.28 1.85
N ALA C 436 -3.79 -23.41 3.16
CA ALA C 436 -3.75 -22.22 4.00
C ALA C 436 -2.42 -22.06 4.72
N PHE C 437 -1.97 -23.09 5.44
CA PHE C 437 -0.83 -22.96 6.34
C PHE C 437 0.50 -23.22 5.65
N PHE C 438 0.47 -23.51 4.36
CA PHE C 438 1.69 -23.81 3.62
C PHE C 438 2.37 -22.57 3.04
N TYR C 439 1.63 -21.45 2.90
CA TYR C 439 2.14 -20.21 2.34
C TYR C 439 2.63 -19.27 3.43
N PRO C 440 3.63 -18.42 3.13
CA PRO C 440 4.23 -17.59 4.19
C PRO C 440 3.33 -16.46 4.68
N TRP C 441 2.52 -15.87 3.80
CA TRP C 441 1.74 -14.70 4.20
C TRP C 441 0.69 -15.06 5.23
N PHE C 442 0.09 -16.26 5.11
CA PHE C 442 -0.90 -16.68 6.10
C PHE C 442 -0.27 -16.85 7.47
N ARG C 443 0.91 -17.48 7.52
CA ARG C 443 1.61 -17.64 8.80
C ARG C 443 2.01 -16.28 9.37
N LYS C 444 2.42 -15.35 8.50
CA LYS C 444 2.76 -14.01 8.96
C LYS C 444 1.54 -13.32 9.58
N ALA C 445 0.38 -13.44 8.94
CA ALA C 445 -0.83 -12.84 9.48
C ALA C 445 -1.21 -13.48 10.82
N LEU C 446 -1.10 -14.81 10.91
CA LEU C 446 -1.43 -15.50 12.15
C LEU C 446 -0.49 -15.07 13.28
N LYS C 447 0.79 -14.92 12.98
CA LYS C 447 1.74 -14.43 13.98
C LYS C 447 1.42 -13.00 14.38
N MET C 448 1.03 -12.17 13.39
CA MET C 448 0.64 -10.80 13.70
C MET C 448 -0.60 -10.74 14.58
N MET C 449 -1.43 -11.79 14.52
CA MET C 449 -2.55 -11.88 15.46
C MET C 449 -2.05 -11.98 16.90
N LEU C 450 -0.97 -12.73 17.12
CA LEU C 450 -0.38 -12.86 18.45
C LEU C 450 0.22 -11.52 18.90
N THR D 6 31.26 40.05 -5.02
CA THR D 6 30.47 39.40 -6.06
C THR D 6 29.04 39.17 -5.59
N ALA D 7 28.25 38.51 -6.44
CA ALA D 7 26.86 38.21 -6.07
C ALA D 7 26.79 37.26 -4.88
N SER D 8 27.66 36.24 -4.84
CA SER D 8 27.72 35.37 -3.67
C SER D 8 28.16 36.15 -2.44
N ILE D 9 29.13 37.05 -2.59
CA ILE D 9 29.54 37.90 -1.48
C ILE D 9 28.38 38.79 -1.04
N ALA D 10 27.60 39.30 -2.00
CA ALA D 10 26.47 40.16 -1.66
C ALA D 10 25.41 39.39 -0.88
N GLN D 11 25.09 38.16 -1.30
CA GLN D 11 24.08 37.39 -0.59
C GLN D 11 24.60 36.94 0.78
N ALA D 12 25.90 36.66 0.88
CA ALA D 12 26.48 36.37 2.20
C ALA D 12 26.38 37.58 3.12
N ARG D 13 26.63 38.78 2.58
CA ARG D 13 26.48 40.00 3.36
C ARG D 13 25.04 40.19 3.81
N LYS D 14 24.09 39.90 2.92
CA LYS D 14 22.68 39.98 3.29
C LYS D 14 22.33 39.00 4.40
N LEU D 15 22.89 37.79 4.32
CA LEU D 15 22.67 36.80 5.39
C LEU D 15 23.26 37.28 6.71
N VAL D 16 24.43 37.92 6.66
CA VAL D 16 25.03 38.47 7.87
C VAL D 16 24.16 39.58 8.45
N GLU D 17 23.62 40.44 7.61
CA GLU D 17 22.72 41.50 8.08
C GLU D 17 21.47 40.90 8.71
N GLN D 18 20.92 39.84 8.10
CA GLN D 18 19.78 39.15 8.69
C GLN D 18 20.12 38.55 10.04
N LEU D 19 21.32 37.96 10.18
CA LEU D 19 21.74 37.40 11.45
C LEU D 19 21.90 38.48 12.51
N LYS D 20 22.44 39.64 12.11
CA LYS D 20 22.61 40.72 13.08
C LYS D 20 21.26 41.31 13.49
N MET D 21 20.29 41.32 12.58
CA MET D 21 18.93 41.67 12.96
C MET D 21 18.34 40.64 13.90
N GLU D 22 18.66 39.37 13.68
CA GLU D 22 18.22 38.30 14.57
C GLU D 22 18.76 38.50 15.98
N ALA D 23 20.04 38.86 16.10
CA ALA D 23 20.69 38.97 17.40
C ALA D 23 20.15 40.10 18.26
N ASN D 24 19.64 41.17 17.66
CA ASN D 24 19.18 42.34 18.41
C ASN D 24 17.69 42.24 18.73
N ILE D 25 17.36 41.28 19.60
CA ILE D 25 15.99 41.08 20.06
C ILE D 25 15.98 40.94 21.58
N ASP D 26 14.84 41.26 22.18
CA ASP D 26 14.68 41.08 23.60
C ASP D 26 14.50 39.61 23.95
N ARG D 27 14.86 39.25 25.19
CA ARG D 27 14.78 37.88 25.66
C ARG D 27 14.05 37.86 27.00
N ILE D 28 13.81 36.66 27.52
CA ILE D 28 13.07 36.46 28.76
C ILE D 28 13.56 35.18 29.41
N LYS D 29 13.31 35.06 30.71
CA LYS D 29 13.69 33.86 31.46
C LYS D 29 12.75 32.73 31.12
N VAL D 30 13.30 31.52 30.98
CA VAL D 30 12.51 30.34 30.64
C VAL D 30 11.55 30.00 31.77
N SER D 31 11.91 30.39 32.99
CA SER D 31 11.07 30.08 34.15
C SER D 31 9.71 30.76 34.04
N LYS D 32 9.71 32.04 33.63
CA LYS D 32 8.45 32.76 33.50
C LYS D 32 7.57 32.17 32.40
N ALA D 33 8.17 31.79 31.28
CA ALA D 33 7.41 31.17 30.19
C ALA D 33 6.83 29.84 30.63
N ALA D 34 7.63 29.04 31.34
CA ALA D 34 7.13 27.76 31.84
C ALA D 34 5.99 27.97 32.84
N ALA D 35 6.11 28.97 33.70
CA ALA D 35 5.05 29.28 34.66
C ALA D 35 3.78 29.70 33.94
N ASP D 36 3.90 30.53 32.90
CA ASP D 36 2.74 30.95 32.15
C ASP D 36 2.06 29.76 31.47
N LEU D 37 2.86 28.88 30.85
CA LEU D 37 2.29 27.71 30.20
C LEU D 37 1.59 26.80 31.20
N MET D 38 2.23 26.56 32.35
CA MET D 38 1.60 25.70 33.35
C MET D 38 0.32 26.33 33.89
N ALA D 39 0.31 27.64 34.11
CA ALA D 39 -0.89 28.31 34.59
C ALA D 39 -2.03 28.18 33.58
N TYR D 40 -1.72 28.37 32.29
CA TYR D 40 -2.72 28.16 31.26
C TYR D 40 -3.14 26.69 31.20
N CYS D 41 -2.30 25.79 31.70
CA CYS D 41 -2.60 24.37 31.65
C CYS D 41 -3.66 23.95 32.67
N GLU D 42 -4.03 24.84 33.60
CA GLU D 42 -5.25 24.60 34.37
C GLU D 42 -6.27 25.71 34.17
N ALA D 43 -5.87 26.83 33.58
CA ALA D 43 -6.82 27.91 33.33
C ALA D 43 -8.00 27.44 32.48
N HIS D 44 -7.71 26.72 31.40
CA HIS D 44 -8.75 26.17 30.54
C HIS D 44 -8.86 24.65 30.62
N ALA D 45 -8.18 24.02 31.57
CA ALA D 45 -8.26 22.57 31.69
C ALA D 45 -9.60 22.11 32.24
N LYS D 46 -10.44 23.03 32.71
CA LYS D 46 -11.75 22.65 33.22
C LYS D 46 -12.61 22.03 32.13
N GLU D 47 -12.52 22.56 30.90
CA GLU D 47 -13.30 22.02 29.80
C GLU D 47 -12.91 20.58 29.51
N ASP D 48 -11.66 20.38 29.04
CA ASP D 48 -11.06 19.08 28.74
C ASP D 48 -12.05 18.04 28.24
N PRO D 49 -12.68 18.25 27.08
CA PRO D 49 -13.62 17.25 26.56
C PRO D 49 -12.92 15.95 26.22
N LEU D 50 -11.60 15.98 26.15
CA LEU D 50 -10.79 14.83 25.80
C LEU D 50 -10.03 14.25 26.98
N LEU D 51 -9.44 15.10 27.83
CA LEU D 51 -8.67 14.60 28.97
C LEU D 51 -9.59 14.03 30.05
N THR D 52 -10.68 14.75 30.36
CA THR D 52 -11.68 14.27 31.30
C THR D 52 -12.88 13.77 30.52
N PRO D 53 -13.14 12.46 30.48
CA PRO D 53 -14.28 11.96 29.70
C PRO D 53 -15.60 12.50 30.25
N VAL D 54 -16.52 12.76 29.33
CA VAL D 54 -17.85 13.25 29.69
C VAL D 54 -18.80 12.05 29.73
N PRO D 55 -19.92 12.14 30.44
CA PRO D 55 -20.89 11.03 30.42
C PRO D 55 -21.41 10.79 29.01
N ALA D 56 -21.79 9.54 28.73
CA ALA D 56 -22.18 9.15 27.39
C ALA D 56 -23.59 9.62 27.07
N SER D 57 -23.82 10.92 27.21
CA SER D 57 -25.09 11.54 26.83
C SER D 57 -24.91 12.86 26.08
N GLU D 58 -23.72 13.46 26.10
CA GLU D 58 -23.44 14.70 25.40
C GLU D 58 -22.72 14.48 24.09
N ASN D 59 -21.96 13.39 23.98
CA ASN D 59 -21.19 13.10 22.78
C ASN D 59 -22.11 12.74 21.62
N PRO D 60 -22.04 13.45 20.49
CA PRO D 60 -22.85 13.08 19.32
C PRO D 60 -22.35 11.84 18.60
N PHE D 61 -21.31 11.18 19.11
CA PHE D 61 -20.70 10.05 18.44
C PHE D 61 -21.05 8.71 19.07
N ARG D 62 -22.18 8.61 19.76
CA ARG D 62 -22.62 7.38 20.41
C ARG D 62 -22.74 6.24 19.41
N GLU D 63 -22.62 5.01 19.90
CA GLU D 63 -22.71 3.83 19.05
C GLU D 63 -24.07 3.73 18.37
C1 UJL E . -16.80 -39.55 1.80
C2 UJL E . -17.92 -39.79 -0.34
C3 UJL E . -19.35 -40.10 -0.77
C4 UJL E . -20.90 -41.86 -0.91
C5 UJL E . -20.87 -42.00 -2.42
C6 UJL E . -20.20 -40.82 -3.03
C7 UJL E . -20.19 -40.42 -4.39
C8 UJL E . -19.51 -39.27 -4.61
C9 UJL E . -19.50 -39.96 -2.25
N1 UJL E . -17.61 -40.41 0.95
O1 UJL E . -19.64 -41.45 -0.40
S1 UJL E . -18.79 -38.68 -3.16
#